data_4JTY
#
_entry.id   4JTY
#
_cell.length_a   106.200
_cell.length_b   107.570
_cell.length_c   134.520
_cell.angle_alpha   90.00
_cell.angle_beta   90.00
_cell.angle_gamma   90.00
#
_symmetry.space_group_name_H-M   'P 21 21 21'
#
loop_
_entity.id
_entity.type
_entity.pdbx_description
1 polymer 'Genome polyprotein'
2 non-polymer GLYCEROL
3 non-polymer 3-{[4-oxo-1-(2,4,6-trifluorobenzyl)-1,4-dihydroquinazolin-6-yl]oxy}-2-(trifluoromethyl)benzamide
4 non-polymer 'MAGNESIUM ION'
5 water water
#
_entity_poly.entity_id   1
_entity_poly.type   'polypeptide(L)'
_entity_poly.pdbx_seq_one_letter_code
;SMSYTWTGALITPCAAEESKLPINPLSNSLLRHHNMVYATTSRSASLRQKKVTFDRLQVLDDHYRDVLKEMKAKASTVKA
KLLSIEEACKLTPPHSAKSKFGYGAKDVRNLSSRAVNHIRSVWEDLLEDTETPIDTTIMAKSEVFCVQPEKGGRKPARLI
VFPDLGVRVCEKMALYDVVSTLPQAVMGSSYGFQYSPKQRVEFLVNTWKSKKCPMGFSYDTRCFDSTVTESDIRVEESIY
QCCDLAPEARQAIRSLTERLYIGGPLTNSKGQNCGYRRCRASGVLTTSCGNTLTCYLKATAACRAAKLQDCTMLVNGDDL
VVICESAGTQEDAAALRAFTEAMTRYSAPPGDPPQPEYDLELITSCSSNVSVAHDASGKRVYYLTRDPTTPLARAAWETA
RHTPINSWLGNIIMYAPTLWARMILMTHFFSILLAQEQLEKALDCQIYGACYSIEPLDLPQIIERLHGLSAFTLHSYSPG
EINRVASCLRKLGVPPLRTWRHRARSVRAKLLSQGGRAATCGRYLFNWAVRTKLKLTPIPAASQLDLSGWFVAGYSGGDI
YHSLSRARPRHHHHHH
;
_entity_poly.pdbx_strand_id   A,B
#
loop_
_chem_comp.id
_chem_comp.type
_chem_comp.name
_chem_comp.formula
1NV non-polymer 3-{[4-oxo-1-(2,4,6-trifluorobenzyl)-1,4-dihydroquinazolin-6-yl]oxy}-2-(trifluoromethyl)benzamide 'C23 H13 F6 N3 O3'
GOL non-polymer GLYCEROL 'C3 H8 O3'
MG non-polymer 'MAGNESIUM ION' 'Mg 2'
#
# COMPACT_ATOMS: atom_id res chain seq x y z
N SER A 1 7.52 -7.15 24.13
CA SER A 1 7.32 -6.21 25.27
C SER A 1 6.13 -6.64 26.13
N MET A 2 5.91 -5.92 27.22
CA MET A 2 4.79 -6.23 28.10
C MET A 2 3.51 -5.68 27.50
N SER A 3 2.48 -6.53 27.46
CA SER A 3 1.20 -6.11 26.90
C SER A 3 0.68 -4.93 27.71
N TYR A 4 0.87 -5.01 29.03
CA TYR A 4 0.43 -3.97 29.95
C TYR A 4 1.47 -3.67 31.03
N THR A 5 1.37 -2.47 31.61
CA THR A 5 2.23 -2.00 32.68
C THR A 5 1.27 -1.25 33.57
N TRP A 6 1.21 -1.58 34.85
CA TRP A 6 0.28 -0.93 35.77
C TRP A 6 0.96 -0.03 36.80
N THR A 7 0.30 1.07 37.16
CA THR A 7 0.85 1.99 38.14
C THR A 7 0.47 1.55 39.54
N GLY A 8 -0.72 1.00 39.66
CA GLY A 8 -1.21 0.56 40.96
C GLY A 8 -2.61 1.10 41.18
N ALA A 9 -2.97 2.15 40.45
CA ALA A 9 -4.31 2.74 40.56
C ALA A 9 -5.28 1.67 40.06
N LEU A 10 -6.40 1.55 40.76
CA LEU A 10 -7.41 0.55 40.44
C LEU A 10 -8.35 0.87 39.28
N ILE A 11 -8.90 -0.19 38.68
CA ILE A 11 -9.86 -0.06 37.60
C ILE A 11 -11.12 0.24 38.41
N THR A 12 -11.60 1.46 38.31
CA THR A 12 -12.77 1.86 39.07
C THR A 12 -14.04 1.93 38.27
N PRO A 13 -15.18 1.73 38.93
CA PRO A 13 -16.49 1.78 38.28
C PRO A 13 -16.92 3.23 38.37
N CYS A 14 -17.64 3.74 37.37
CA CYS A 14 -18.07 5.13 37.46
C CYS A 14 -19.52 5.24 37.92
N ALA A 15 -20.06 4.12 38.40
CA ALA A 15 -21.44 4.03 38.91
C ALA A 15 -21.57 2.73 39.68
N ALA A 16 -22.64 2.59 40.46
CA ALA A 16 -22.86 1.36 41.23
C ALA A 16 -22.99 0.17 40.27
N GLU A 17 -22.33 -0.93 40.61
CA GLU A 17 -22.37 -2.13 39.77
C GLU A 17 -23.23 -3.25 40.33
N GLU A 18 -24.17 -3.70 39.49
CA GLU A 18 -25.09 -4.76 39.86
C GLU A 18 -24.50 -6.12 39.45
N SER A 19 -24.51 -7.09 40.36
CA SER A 19 -23.94 -8.40 40.02
C SER A 19 -24.92 -9.57 40.19
N LYS A 20 -25.96 -9.37 40.99
CA LYS A 20 -26.94 -10.44 41.20
C LYS A 20 -28.28 -10.23 40.51
N LEU A 21 -28.86 -11.33 40.05
CA LEU A 21 -30.14 -11.29 39.40
C LEU A 21 -31.18 -11.05 40.48
N PRO A 22 -31.93 -9.95 40.38
CA PRO A 22 -32.93 -9.67 41.41
C PRO A 22 -34.04 -10.72 41.34
N ILE A 23 -34.74 -10.91 42.46
CA ILE A 23 -35.84 -11.87 42.50
C ILE A 23 -37.05 -11.10 41.96
N ASN A 24 -37.27 -11.27 40.67
CA ASN A 24 -38.33 -10.61 39.93
C ASN A 24 -39.39 -11.61 39.47
N PRO A 25 -40.68 -11.28 39.62
CA PRO A 25 -41.76 -12.18 39.22
C PRO A 25 -41.68 -12.64 37.77
N LEU A 26 -41.33 -11.71 36.89
CA LEU A 26 -41.22 -12.00 35.46
C LEU A 26 -39.96 -12.80 35.13
N SER A 27 -38.84 -12.52 35.78
CA SER A 27 -37.62 -13.26 35.52
C SER A 27 -37.77 -14.67 36.06
N ASN A 28 -38.43 -14.78 37.21
CA ASN A 28 -38.65 -16.05 37.85
C ASN A 28 -39.43 -17.01 36.98
N SER A 29 -40.26 -16.46 36.10
CA SER A 29 -41.05 -17.27 35.19
C SER A 29 -40.17 -18.02 34.19
N LEU A 30 -39.13 -17.34 33.72
CA LEU A 30 -38.20 -17.90 32.75
C LEU A 30 -37.15 -18.85 33.35
N LEU A 31 -36.63 -18.52 34.54
CA LEU A 31 -35.67 -19.41 35.20
C LEU A 31 -35.70 -19.26 36.72
N ARG A 32 -35.66 -20.40 37.40
CA ARG A 32 -35.77 -20.42 38.85
C ARG A 32 -34.50 -20.25 39.66
N HIS A 33 -33.40 -20.79 39.13
CA HIS A 33 -32.11 -20.70 39.83
C HIS A 33 -31.45 -19.36 39.60
N HIS A 34 -32.05 -18.30 40.14
CA HIS A 34 -31.53 -16.96 39.96
C HIS A 34 -30.15 -16.74 40.55
N ASN A 35 -29.78 -17.56 41.52
CA ASN A 35 -28.46 -17.41 42.14
C ASN A 35 -27.35 -17.89 41.26
N MET A 36 -27.68 -18.53 40.15
CA MET A 36 -26.66 -19.02 39.24
C MET A 36 -26.29 -17.96 38.20
N VAL A 37 -27.13 -16.94 38.08
CA VAL A 37 -26.88 -15.88 37.13
C VAL A 37 -26.11 -14.73 37.78
N TYR A 38 -25.03 -14.30 37.15
CA TYR A 38 -24.25 -13.18 37.69
C TYR A 38 -23.75 -12.22 36.61
N ALA A 39 -23.41 -11.02 37.04
CA ALA A 39 -22.88 -10.01 36.14
C ALA A 39 -21.49 -9.64 36.66
N THR A 40 -20.49 -9.67 35.79
CA THR A 40 -19.13 -9.31 36.18
C THR A 40 -19.09 -7.84 36.58
N THR A 41 -18.22 -7.51 37.55
CA THR A 41 -18.07 -6.13 38.02
C THR A 41 -16.59 -5.77 38.11
N SER A 42 -16.30 -4.52 38.44
CA SER A 42 -14.91 -4.09 38.55
C SER A 42 -14.22 -4.80 39.69
N ARG A 43 -15.00 -5.45 40.55
CA ARG A 43 -14.43 -6.17 41.68
C ARG A 43 -13.52 -7.31 41.25
N SER A 44 -13.61 -7.71 40.00
CA SER A 44 -12.79 -8.81 39.49
C SER A 44 -11.69 -8.33 38.52
N ALA A 45 -11.57 -7.01 38.37
CA ALA A 45 -10.58 -6.44 37.46
C ALA A 45 -9.15 -6.94 37.62
N SER A 46 -8.70 -7.05 38.87
CA SER A 46 -7.33 -7.48 39.10
C SER A 46 -7.07 -8.91 38.62
N LEU A 47 -8.09 -9.75 38.65
CA LEU A 47 -7.93 -11.13 38.19
C LEU A 47 -7.67 -11.10 36.69
N ARG A 48 -8.37 -10.20 36.01
CA ARG A 48 -8.22 -10.07 34.57
C ARG A 48 -6.84 -9.52 34.24
N GLN A 49 -6.51 -8.39 34.83
CA GLN A 49 -5.22 -7.74 34.62
C GLN A 49 -4.06 -8.72 34.70
N LYS A 50 -4.11 -9.60 35.69
CA LYS A 50 -3.05 -10.57 35.85
C LYS A 50 -3.04 -11.57 34.70
N LYS A 51 -4.22 -11.85 34.16
CA LYS A 51 -4.35 -12.79 33.05
C LYS A 51 -3.88 -12.19 31.73
N VAL A 52 -4.17 -10.92 31.51
CA VAL A 52 -3.81 -10.24 30.29
C VAL A 52 -2.41 -9.64 30.26
N THR A 53 -1.75 -9.59 31.41
CA THR A 53 -0.40 -9.01 31.48
C THR A 53 0.71 -10.05 31.36
N PHE A 54 1.57 -9.87 30.37
CA PHE A 54 2.69 -10.77 30.15
C PHE A 54 3.53 -10.26 28.99
N ASP A 55 4.73 -10.83 28.84
CA ASP A 55 5.62 -10.42 27.77
C ASP A 55 5.24 -11.20 26.52
N ARG A 56 5.32 -10.55 25.36
CA ARG A 56 4.98 -11.25 24.14
C ARG A 56 6.21 -11.77 23.43
N LEU A 57 6.10 -13.00 22.96
CA LEU A 57 7.19 -13.62 22.22
C LEU A 57 6.71 -13.63 20.80
N GLN A 58 7.54 -13.20 19.86
CA GLN A 58 7.12 -13.20 18.47
C GLN A 58 8.30 -13.32 17.50
N VAL A 59 8.29 -14.43 16.75
CA VAL A 59 9.32 -14.73 15.78
C VAL A 59 8.60 -14.88 14.45
N LEU A 60 8.95 -14.06 13.47
CA LEU A 60 8.31 -14.13 12.16
C LEU A 60 9.14 -14.94 11.18
N ASP A 61 8.50 -15.51 10.17
CA ASP A 61 9.21 -16.31 9.19
C ASP A 61 8.83 -15.97 7.74
N ASP A 62 9.35 -16.75 6.81
CA ASP A 62 9.09 -16.52 5.40
C ASP A 62 7.62 -16.70 5.02
N HIS A 63 6.96 -17.68 5.62
CA HIS A 63 5.54 -17.92 5.32
C HIS A 63 4.69 -16.73 5.69
N TYR A 64 4.99 -16.14 6.83
CA TYR A 64 4.25 -14.98 7.31
C TYR A 64 4.41 -13.86 6.28
N ARG A 65 5.65 -13.61 5.89
CA ARG A 65 5.91 -12.56 4.92
C ARG A 65 5.23 -12.83 3.57
N ASP A 66 5.27 -14.09 3.12
CA ASP A 66 4.62 -14.45 1.87
C ASP A 66 3.13 -14.16 1.92
N VAL A 67 2.48 -14.61 2.99
CA VAL A 67 1.06 -14.39 3.12
C VAL A 67 0.76 -12.90 3.25
N LEU A 68 1.58 -12.17 4.01
CA LEU A 68 1.38 -10.74 4.19
C LEU A 68 1.39 -10.01 2.84
N LYS A 69 2.30 -10.39 1.96
CA LYS A 69 2.36 -9.76 0.66
C LYS A 69 1.10 -10.08 -0.13
N GLU A 70 0.70 -11.34 -0.10
CA GLU A 70 -0.51 -11.78 -0.79
C GLU A 70 -1.71 -10.95 -0.35
N MET A 71 -1.78 -10.70 0.95
CA MET A 71 -2.87 -9.92 1.53
C MET A 71 -2.82 -8.46 1.05
N LYS A 72 -1.63 -7.85 1.13
CA LYS A 72 -1.45 -6.47 0.68
C LYS A 72 -1.86 -6.32 -0.79
N ALA A 73 -1.52 -7.33 -1.59
CA ALA A 73 -1.85 -7.31 -3.02
C ALA A 73 -3.36 -7.12 -3.22
N LYS A 74 -4.18 -7.90 -2.50
CA LYS A 74 -5.62 -7.77 -2.60
C LYS A 74 -6.01 -6.37 -2.10
N ALA A 75 -5.36 -5.94 -1.01
CA ALA A 75 -5.63 -4.63 -0.41
C ALA A 75 -5.45 -3.48 -1.40
N SER A 76 -4.46 -3.62 -2.27
CA SER A 76 -4.14 -2.61 -3.27
C SER A 76 -5.31 -2.25 -4.18
N THR A 77 -6.34 -3.09 -4.20
CA THR A 77 -7.49 -2.86 -5.06
C THR A 77 -8.57 -1.99 -4.44
N VAL A 78 -8.47 -1.76 -3.14
CA VAL A 78 -9.46 -0.98 -2.41
C VAL A 78 -9.29 0.52 -2.49
N LYS A 79 -10.40 1.22 -2.67
CA LYS A 79 -10.38 2.68 -2.71
C LYS A 79 -11.33 3.08 -1.59
N ALA A 80 -10.79 3.66 -0.52
CA ALA A 80 -11.57 4.08 0.64
C ALA A 80 -11.96 5.54 0.63
N LYS A 81 -13.17 5.82 1.09
CA LYS A 81 -13.64 7.20 1.13
C LYS A 81 -13.57 7.79 2.53
N LEU A 82 -13.26 9.08 2.56
CA LEU A 82 -13.14 9.82 3.79
C LEU A 82 -14.50 10.35 4.22
N LEU A 83 -15.10 9.73 5.22
CA LEU A 83 -16.40 10.17 5.71
C LEU A 83 -16.37 11.60 6.19
N SER A 84 -17.51 12.28 6.10
CA SER A 84 -17.63 13.66 6.54
C SER A 84 -17.96 13.68 8.03
N ILE A 85 -17.81 14.85 8.67
CA ILE A 85 -18.11 14.95 10.10
C ILE A 85 -19.57 14.57 10.35
N GLU A 86 -20.44 14.99 9.44
CA GLU A 86 -21.86 14.71 9.56
C GLU A 86 -22.12 13.21 9.48
N GLU A 87 -21.54 12.56 8.48
CA GLU A 87 -21.71 11.12 8.29
C GLU A 87 -21.24 10.29 9.49
N ALA A 88 -20.04 10.60 9.98
CA ALA A 88 -19.47 9.89 11.11
C ALA A 88 -20.26 10.20 12.37
N CYS A 89 -20.81 11.40 12.44
CA CYS A 89 -21.59 11.76 13.62
C CYS A 89 -22.88 10.94 13.65
N LYS A 90 -23.45 10.71 12.48
CA LYS A 90 -24.69 9.96 12.36
C LYS A 90 -24.51 8.48 12.67
N LEU A 91 -23.26 8.05 12.81
CA LEU A 91 -22.95 6.65 13.12
C LEU A 91 -22.73 6.44 14.63
N THR A 92 -22.75 7.51 15.40
CA THR A 92 -22.54 7.39 16.84
C THR A 92 -23.79 6.97 17.59
N PRO A 93 -23.70 5.86 18.34
CA PRO A 93 -24.83 5.36 19.11
C PRO A 93 -25.30 6.46 20.07
N PRO A 94 -26.61 6.52 20.34
CA PRO A 94 -27.21 7.52 21.23
C PRO A 94 -26.75 7.37 22.68
N HIS A 95 -26.40 6.14 23.04
CA HIS A 95 -25.95 5.80 24.39
C HIS A 95 -24.43 5.81 24.56
N SER A 96 -23.69 6.17 23.52
CA SER A 96 -22.24 6.20 23.58
C SER A 96 -21.75 7.08 24.74
N ALA A 97 -20.61 6.72 25.32
CA ALA A 97 -20.07 7.48 26.44
C ALA A 97 -19.77 8.92 26.06
N LYS A 98 -20.20 9.86 26.90
CA LYS A 98 -19.99 11.28 26.65
C LYS A 98 -18.51 11.64 26.56
N SER A 99 -18.25 12.81 26.00
CA SER A 99 -16.89 13.30 25.88
C SER A 99 -16.62 14.08 27.16
N LYS A 100 -15.35 14.19 27.53
CA LYS A 100 -15.00 14.94 28.72
C LYS A 100 -14.76 16.38 28.33
N PHE A 101 -15.19 16.73 27.12
CA PHE A 101 -15.00 18.08 26.63
C PHE A 101 -16.29 18.88 26.44
N GLY A 102 -17.27 18.62 27.31
CA GLY A 102 -18.53 19.35 27.28
C GLY A 102 -19.67 18.92 26.40
N TYR A 103 -19.70 17.66 25.98
CA TYR A 103 -20.78 17.20 25.12
C TYR A 103 -20.87 15.69 25.13
N GLY A 104 -21.97 15.18 24.58
CA GLY A 104 -22.18 13.75 24.54
C GLY A 104 -22.70 13.30 23.19
N ALA A 105 -23.05 12.01 23.11
CA ALA A 105 -23.56 11.41 21.89
C ALA A 105 -24.76 12.14 21.31
N LYS A 106 -25.66 12.57 22.19
CA LYS A 106 -26.86 13.30 21.78
C LYS A 106 -26.45 14.53 20.99
N ASP A 107 -25.55 15.32 21.57
CA ASP A 107 -25.07 16.53 20.92
C ASP A 107 -24.33 16.20 19.62
N VAL A 108 -23.70 15.03 19.58
CA VAL A 108 -23.00 14.61 18.38
C VAL A 108 -24.00 14.29 17.27
N ARG A 109 -24.98 13.45 17.59
CA ARG A 109 -25.97 13.10 16.57
C ARG A 109 -26.76 14.32 16.07
N ASN A 110 -26.96 15.31 16.95
CA ASN A 110 -27.66 16.53 16.55
C ASN A 110 -26.73 17.52 15.89
N LEU A 111 -25.50 17.10 15.63
CA LEU A 111 -24.52 17.96 14.99
C LEU A 111 -24.38 19.24 15.79
N SER A 112 -24.48 19.10 17.12
CA SER A 112 -24.36 20.24 18.01
C SER A 112 -23.07 21.02 17.77
N SER A 113 -23.23 22.32 17.61
CA SER A 113 -22.14 23.25 17.37
C SER A 113 -20.93 22.97 18.28
N ARG A 114 -21.16 22.74 19.56
CA ARG A 114 -20.06 22.48 20.48
C ARG A 114 -19.33 21.18 20.14
N ALA A 115 -20.09 20.11 19.91
CA ALA A 115 -19.51 18.82 19.58
C ALA A 115 -18.68 18.92 18.32
N VAL A 116 -19.34 19.28 17.23
CA VAL A 116 -18.67 19.43 15.94
C VAL A 116 -17.39 20.25 16.03
N ASN A 117 -17.49 21.43 16.64
CA ASN A 117 -16.31 22.29 16.79
C ASN A 117 -15.17 21.51 17.42
N HIS A 118 -15.45 20.73 18.45
CA HIS A 118 -14.42 19.95 19.11
C HIS A 118 -13.91 18.79 18.25
N ILE A 119 -14.82 18.17 17.51
CA ILE A 119 -14.44 17.06 16.65
C ILE A 119 -13.45 17.56 15.60
N ARG A 120 -13.66 18.79 15.11
CA ARG A 120 -12.77 19.39 14.12
C ARG A 120 -11.36 19.56 14.63
N SER A 121 -11.24 20.04 15.87
CA SER A 121 -9.94 20.27 16.46
C SER A 121 -9.22 18.94 16.67
N VAL A 122 -9.96 17.95 17.14
CA VAL A 122 -9.37 16.63 17.35
C VAL A 122 -8.80 16.17 16.01
N TRP A 123 -9.59 16.30 14.94
CA TRP A 123 -9.12 15.89 13.61
C TRP A 123 -7.89 16.70 13.21
N GLU A 124 -7.96 18.02 13.37
CA GLU A 124 -6.84 18.88 13.03
C GLU A 124 -5.62 18.41 13.80
N ASP A 125 -5.84 18.00 15.06
CA ASP A 125 -4.74 17.56 15.88
C ASP A 125 -4.12 16.25 15.36
N LEU A 126 -4.92 15.38 14.76
CA LEU A 126 -4.39 14.13 14.24
C LEU A 126 -3.53 14.39 13.02
N LEU A 127 -3.87 15.42 12.27
CA LEU A 127 -3.12 15.79 11.06
C LEU A 127 -1.81 16.47 11.39
N GLU A 128 -1.78 17.18 12.52
CA GLU A 128 -0.57 17.90 12.94
C GLU A 128 0.38 17.14 13.84
N ASP A 129 -0.19 16.41 14.80
CA ASP A 129 0.58 15.65 15.77
C ASP A 129 0.60 14.19 15.37
N THR A 130 1.79 13.71 15.04
CA THR A 130 1.95 12.34 14.62
C THR A 130 2.46 11.46 15.74
N GLU A 131 2.79 12.06 16.88
CA GLU A 131 3.39 11.30 17.97
C GLU A 131 2.74 11.14 19.33
N THR A 132 2.22 12.23 19.89
CA THR A 132 1.63 12.22 21.22
C THR A 132 0.60 11.12 21.49
N PRO A 133 0.91 10.21 22.44
CA PRO A 133 -0.01 9.11 22.78
C PRO A 133 -1.34 9.64 23.22
N ILE A 134 -2.40 9.14 22.59
CA ILE A 134 -3.73 9.59 22.91
C ILE A 134 -4.24 8.91 24.17
N ASP A 135 -4.84 9.68 25.07
CA ASP A 135 -5.34 9.10 26.31
C ASP A 135 -6.51 8.14 26.10
N THR A 136 -6.64 7.14 26.97
CA THR A 136 -7.75 6.19 26.89
C THR A 136 -8.28 5.90 28.31
N THR A 137 -9.51 5.46 28.38
CA THR A 137 -10.13 5.11 29.63
C THR A 137 -10.21 3.59 29.68
N ILE A 138 -10.04 3.03 30.86
CA ILE A 138 -10.11 1.58 31.03
C ILE A 138 -11.24 1.33 32.03
N MET A 139 -12.17 0.44 31.67
CA MET A 139 -13.30 0.11 32.53
C MET A 139 -13.48 -1.39 32.57
N ALA A 140 -14.09 -1.89 33.63
CA ALA A 140 -14.34 -3.31 33.74
C ALA A 140 -15.65 -3.50 32.99
N LYS A 141 -15.69 -4.47 32.07
CA LYS A 141 -16.89 -4.74 31.30
C LYS A 141 -17.90 -5.48 32.16
N SER A 142 -19.17 -5.10 32.06
CA SER A 142 -20.23 -5.73 32.83
C SER A 142 -21.01 -6.72 31.96
N GLU A 143 -20.70 -8.00 32.09
CA GLU A 143 -21.40 -9.02 31.28
C GLU A 143 -22.06 -10.10 32.14
N VAL A 144 -23.14 -10.67 31.63
CA VAL A 144 -23.87 -11.71 32.36
C VAL A 144 -23.55 -13.14 31.92
N PHE A 145 -23.41 -14.02 32.91
CA PHE A 145 -23.10 -15.42 32.67
C PHE A 145 -23.79 -16.32 33.69
N CYS A 146 -23.56 -17.62 33.56
CA CYS A 146 -24.11 -18.61 34.48
C CYS A 146 -22.91 -19.21 35.20
N VAL A 147 -23.05 -19.50 36.49
CA VAL A 147 -21.95 -20.09 37.25
C VAL A 147 -21.55 -21.42 36.62
N GLN A 148 -20.34 -21.89 36.92
CA GLN A 148 -19.89 -23.17 36.36
C GLN A 148 -19.19 -24.02 37.42
N PRO A 149 -19.44 -25.36 37.37
CA PRO A 149 -18.90 -26.38 38.27
C PRO A 149 -17.45 -26.16 38.73
N GLY A 153 -14.88 -21.42 38.69
CA GLY A 153 -15.81 -20.58 39.51
C GLY A 153 -16.63 -19.58 38.69
N ARG A 154 -16.06 -18.41 38.47
CA ARG A 154 -16.74 -17.36 37.70
C ARG A 154 -15.76 -16.65 36.79
N LYS A 155 -16.28 -16.03 35.75
CA LYS A 155 -15.44 -15.33 34.80
C LYS A 155 -15.12 -13.91 35.25
N PRO A 156 -13.82 -13.60 35.38
CA PRO A 156 -13.45 -12.26 35.81
C PRO A 156 -13.75 -11.28 34.67
N ALA A 157 -14.29 -10.12 35.01
CA ALA A 157 -14.66 -9.12 34.02
C ALA A 157 -13.59 -8.82 32.96
N ARG A 158 -14.06 -8.61 31.74
CA ARG A 158 -13.16 -8.27 30.64
C ARG A 158 -12.91 -6.77 30.77
N LEU A 159 -11.75 -6.33 30.28
CA LEU A 159 -11.40 -4.92 30.36
C LEU A 159 -11.50 -4.21 29.03
N ILE A 160 -12.36 -3.20 28.95
CA ILE A 160 -12.48 -2.45 27.72
C ILE A 160 -11.64 -1.18 27.82
N VAL A 161 -11.00 -0.81 26.71
CA VAL A 161 -10.18 0.40 26.65
C VAL A 161 -10.66 1.20 25.45
N PHE A 162 -11.01 2.47 25.67
CA PHE A 162 -11.50 3.29 24.59
C PHE A 162 -11.13 4.74 24.78
N PRO A 163 -10.91 5.45 23.67
CA PRO A 163 -10.55 6.88 23.68
C PRO A 163 -11.82 7.73 23.82
N ASP A 164 -11.64 9.04 23.87
CA ASP A 164 -12.75 10.01 24.00
C ASP A 164 -13.66 10.05 22.77
N LEU A 165 -14.90 10.47 23.00
CA LEU A 165 -15.89 10.59 21.96
C LEU A 165 -15.33 11.31 20.73
N GLY A 166 -14.66 12.43 20.96
CA GLY A 166 -14.09 13.18 19.85
C GLY A 166 -13.23 12.32 18.92
N VAL A 167 -12.25 11.63 19.49
CA VAL A 167 -11.35 10.75 18.76
C VAL A 167 -12.14 9.64 18.06
N ARG A 168 -13.15 9.09 18.74
CA ARG A 168 -13.97 8.04 18.15
C ARG A 168 -14.68 8.51 16.86
N VAL A 169 -15.22 9.72 16.86
CA VAL A 169 -15.87 10.19 15.64
C VAL A 169 -14.81 10.28 14.57
N CYS A 170 -13.62 10.74 14.96
CA CYS A 170 -12.51 10.87 14.02
C CYS A 170 -12.06 9.53 13.44
N GLU A 171 -12.10 8.48 14.25
CA GLU A 171 -11.74 7.17 13.73
C GLU A 171 -12.69 6.86 12.58
N LYS A 172 -13.99 7.01 12.83
CA LYS A 172 -15.01 6.76 11.82
C LYS A 172 -14.73 7.54 10.53
N MET A 173 -14.46 8.84 10.67
CA MET A 173 -14.19 9.64 9.48
C MET A 173 -13.10 9.05 8.61
N ALA A 174 -11.99 8.70 9.23
CA ALA A 174 -10.85 8.15 8.52
C ALA A 174 -10.87 6.66 8.22
N LEU A 175 -11.56 5.88 9.04
CA LEU A 175 -11.51 4.43 8.85
C LEU A 175 -12.78 3.61 8.68
N TYR A 176 -13.95 4.24 8.77
CA TYR A 176 -15.19 3.49 8.65
C TYR A 176 -15.26 2.74 7.31
N ASP A 177 -15.12 3.47 6.21
CA ASP A 177 -15.18 2.83 4.91
C ASP A 177 -14.14 1.72 4.80
N VAL A 178 -12.93 1.97 5.30
CA VAL A 178 -11.88 0.96 5.23
C VAL A 178 -12.21 -0.32 5.98
N VAL A 179 -12.58 -0.20 7.25
CA VAL A 179 -12.87 -1.40 8.02
C VAL A 179 -14.18 -2.05 7.57
N SER A 180 -14.92 -1.33 6.74
CA SER A 180 -16.19 -1.86 6.25
C SER A 180 -16.03 -2.57 4.92
N THR A 181 -14.87 -2.43 4.27
CA THR A 181 -14.69 -3.06 2.97
C THR A 181 -13.36 -3.79 2.74
N LEU A 182 -12.32 -3.38 3.44
CA LEU A 182 -11.01 -4.01 3.27
C LEU A 182 -10.93 -5.49 3.60
N PRO A 183 -11.55 -5.91 4.73
CA PRO A 183 -11.51 -7.33 5.11
C PRO A 183 -12.01 -8.29 4.04
N GLN A 184 -13.15 -7.96 3.43
CA GLN A 184 -13.71 -8.81 2.41
C GLN A 184 -12.81 -8.83 1.18
N ALA A 185 -12.33 -7.65 0.80
CA ALA A 185 -11.47 -7.53 -0.36
C ALA A 185 -10.19 -8.36 -0.16
N VAL A 186 -9.73 -8.46 1.08
CA VAL A 186 -8.49 -9.19 1.39
C VAL A 186 -8.65 -10.68 1.68
N MET A 187 -9.64 -11.04 2.49
CA MET A 187 -9.83 -12.44 2.86
C MET A 187 -10.91 -13.14 2.03
N GLY A 188 -11.73 -12.37 1.33
CA GLY A 188 -12.77 -12.96 0.51
C GLY A 188 -13.76 -13.85 1.29
N SER A 189 -14.01 -15.03 0.76
CA SER A 189 -14.95 -15.96 1.38
C SER A 189 -14.57 -16.26 2.83
N SER A 190 -13.30 -16.12 3.17
CA SER A 190 -12.85 -16.41 4.53
C SER A 190 -13.29 -15.42 5.59
N TYR A 191 -13.73 -14.23 5.16
CA TYR A 191 -14.16 -13.18 6.08
C TYR A 191 -15.56 -13.43 6.60
N GLY A 192 -15.65 -13.81 7.88
CA GLY A 192 -16.91 -14.16 8.51
C GLY A 192 -18.04 -13.17 8.73
N PHE A 193 -17.73 -11.91 9.00
CA PHE A 193 -18.80 -10.95 9.23
C PHE A 193 -19.66 -10.58 8.02
N GLN A 194 -19.31 -11.10 6.85
CA GLN A 194 -20.06 -10.83 5.62
C GLN A 194 -21.29 -11.73 5.50
N TYR A 195 -21.35 -12.79 6.30
CA TYR A 195 -22.43 -13.76 6.26
C TYR A 195 -23.52 -13.65 7.33
N SER A 196 -24.76 -13.83 6.90
CA SER A 196 -25.88 -13.85 7.84
C SER A 196 -25.72 -15.25 8.41
N PRO A 197 -26.42 -15.57 9.50
CA PRO A 197 -26.26 -16.93 10.03
C PRO A 197 -26.46 -18.01 8.96
N LYS A 198 -27.44 -17.80 8.09
CA LYS A 198 -27.72 -18.78 7.04
C LYS A 198 -26.57 -18.97 6.07
N GLN A 199 -25.96 -17.87 5.66
CA GLN A 199 -24.84 -17.94 4.74
C GLN A 199 -23.59 -18.52 5.39
N ARG A 200 -23.45 -18.36 6.71
CA ARG A 200 -22.30 -18.90 7.41
C ARG A 200 -22.41 -20.43 7.41
N VAL A 201 -23.59 -20.94 7.72
CA VAL A 201 -23.78 -22.37 7.71
C VAL A 201 -23.52 -22.87 6.28
N GLU A 202 -24.09 -22.17 5.29
CA GLU A 202 -23.90 -22.56 3.91
C GLU A 202 -22.41 -22.68 3.61
N PHE A 203 -21.66 -21.64 3.95
CA PHE A 203 -20.24 -21.66 3.72
C PHE A 203 -19.52 -22.79 4.45
N LEU A 204 -19.88 -23.03 5.72
CA LEU A 204 -19.25 -24.09 6.46
C LEU A 204 -19.61 -25.46 5.89
N VAL A 205 -20.84 -25.61 5.44
CA VAL A 205 -21.27 -26.88 4.88
C VAL A 205 -20.65 -27.15 3.52
N ASN A 206 -20.66 -26.16 2.63
CA ASN A 206 -20.07 -26.36 1.32
C ASN A 206 -18.58 -26.62 1.46
N THR A 207 -17.92 -25.81 2.28
CA THR A 207 -16.48 -25.96 2.50
C THR A 207 -16.16 -27.36 2.99
N TRP A 208 -16.99 -27.85 3.90
CA TRP A 208 -16.78 -29.17 4.47
C TRP A 208 -16.92 -30.24 3.41
N LYS A 209 -17.93 -30.09 2.55
CA LYS A 209 -18.18 -31.06 1.50
C LYS A 209 -17.24 -30.94 0.31
N SER A 210 -16.42 -29.89 0.28
CA SER A 210 -15.49 -29.71 -0.82
C SER A 210 -14.18 -30.43 -0.55
N LYS A 211 -14.11 -31.17 0.55
CA LYS A 211 -12.89 -31.90 0.87
C LYS A 211 -13.15 -33.38 0.62
N LYS A 212 -12.12 -34.13 0.22
CA LYS A 212 -12.27 -35.56 -0.02
C LYS A 212 -12.71 -36.14 1.32
N CYS A 213 -11.89 -35.89 2.34
CA CYS A 213 -12.15 -36.33 3.71
C CYS A 213 -11.84 -35.16 4.64
N PRO A 214 -12.87 -34.38 4.99
CA PRO A 214 -12.72 -33.21 5.86
C PRO A 214 -12.21 -33.44 7.28
N MET A 215 -11.48 -32.44 7.77
CA MET A 215 -10.93 -32.42 9.12
C MET A 215 -11.01 -30.94 9.51
N GLY A 216 -11.60 -30.67 10.66
CA GLY A 216 -11.71 -29.29 11.07
C GLY A 216 -11.36 -29.08 12.51
N PHE A 217 -11.15 -27.82 12.88
CA PHE A 217 -10.82 -27.48 14.25
C PHE A 217 -10.98 -25.98 14.48
N SER A 218 -11.36 -25.63 15.69
CA SER A 218 -11.50 -24.25 16.08
C SER A 218 -10.22 -23.95 16.81
N TYR A 219 -9.73 -22.72 16.72
CA TYR A 219 -8.51 -22.36 17.40
C TYR A 219 -8.78 -21.17 18.29
N ASP A 220 -8.73 -21.40 19.60
CA ASP A 220 -8.98 -20.34 20.56
C ASP A 220 -7.67 -19.77 21.06
N THR A 221 -7.39 -18.52 20.67
CA THR A 221 -6.18 -17.85 21.10
C THR A 221 -6.42 -17.29 22.50
N ARG A 222 -5.45 -17.52 23.38
CA ARG A 222 -5.50 -17.05 24.75
C ARG A 222 -5.42 -15.53 24.89
N CYS A 223 -6.57 -14.89 25.08
CA CYS A 223 -6.63 -13.43 25.24
C CYS A 223 -5.98 -12.74 24.05
N PHE A 224 -6.57 -12.98 22.89
CA PHE A 224 -6.06 -12.45 21.64
C PHE A 224 -5.60 -10.98 21.68
N ASP A 225 -6.41 -10.11 22.27
CA ASP A 225 -6.07 -8.71 22.32
C ASP A 225 -4.71 -8.39 22.91
N SER A 226 -4.34 -9.06 24.00
CA SER A 226 -3.06 -8.79 24.61
C SER A 226 -1.92 -9.56 23.94
N THR A 227 -2.22 -10.29 22.88
CA THR A 227 -1.18 -11.04 22.18
C THR A 227 -0.82 -10.26 20.94
N VAL A 228 -1.56 -9.19 20.67
CA VAL A 228 -1.31 -8.35 19.50
C VAL A 228 -0.16 -7.39 19.80
N THR A 229 0.91 -7.50 19.00
CA THR A 229 2.11 -6.69 19.18
C THR A 229 2.07 -5.38 18.41
N GLU A 230 3.05 -4.53 18.67
CA GLU A 230 3.15 -3.25 17.96
C GLU A 230 3.44 -3.58 16.49
N SER A 231 4.16 -4.67 16.30
CA SER A 231 4.49 -5.12 14.97
C SER A 231 3.22 -5.53 14.24
N ASP A 232 2.34 -6.26 14.93
CA ASP A 232 1.08 -6.72 14.34
C ASP A 232 0.25 -5.55 13.86
N ILE A 233 0.15 -4.55 14.71
CA ILE A 233 -0.62 -3.34 14.46
C ILE A 233 -0.05 -2.48 13.34
N ARG A 234 1.28 -2.47 13.20
CA ARG A 234 1.91 -1.70 12.13
C ARG A 234 1.74 -2.47 10.83
N VAL A 235 1.77 -3.79 10.92
CA VAL A 235 1.58 -4.62 9.74
C VAL A 235 0.16 -4.37 9.28
N GLU A 236 -0.74 -4.28 10.25
CA GLU A 236 -2.14 -4.00 9.99
C GLU A 236 -2.29 -2.62 9.28
N GLU A 237 -1.46 -1.66 9.65
CA GLU A 237 -1.53 -0.34 9.03
C GLU A 237 -0.98 -0.40 7.62
N SER A 238 0.10 -1.16 7.43
CA SER A 238 0.70 -1.30 6.11
C SER A 238 -0.34 -1.83 5.13
N ILE A 239 -1.26 -2.66 5.63
CA ILE A 239 -2.31 -3.18 4.79
C ILE A 239 -3.30 -2.04 4.49
N TYR A 240 -3.67 -1.27 5.50
CA TYR A 240 -4.59 -0.18 5.25
C TYR A 240 -3.96 0.82 4.30
N GLN A 241 -2.64 1.00 4.42
CA GLN A 241 -1.94 1.98 3.59
C GLN A 241 -1.93 1.64 2.11
N CYS A 242 -2.36 0.43 1.75
CA CYS A 242 -2.39 0.03 0.35
C CYS A 242 -3.65 0.52 -0.34
N CYS A 243 -4.57 1.08 0.44
CA CYS A 243 -5.82 1.60 -0.11
C CYS A 243 -5.60 2.96 -0.73
N ASP A 244 -6.49 3.35 -1.62
CA ASP A 244 -6.39 4.68 -2.19
C ASP A 244 -7.03 5.53 -1.10
N LEU A 245 -6.26 6.45 -0.53
CA LEU A 245 -6.79 7.27 0.53
C LEU A 245 -6.63 8.75 0.26
N ALA A 246 -7.54 9.55 0.79
CA ALA A 246 -7.43 10.99 0.66
C ALA A 246 -6.22 11.32 1.52
N PRO A 247 -5.48 12.36 1.16
CA PRO A 247 -4.30 12.78 1.93
C PRO A 247 -4.54 12.87 3.44
N GLU A 248 -5.65 13.50 3.83
CA GLU A 248 -5.96 13.67 5.25
C GLU A 248 -6.31 12.33 5.94
N ALA A 249 -6.82 11.38 5.17
CA ALA A 249 -7.16 10.08 5.72
C ALA A 249 -5.89 9.26 5.97
N ARG A 250 -4.93 9.41 5.06
CA ARG A 250 -3.68 8.67 5.16
C ARG A 250 -2.92 9.13 6.39
N GLN A 251 -2.88 10.44 6.60
CA GLN A 251 -2.19 10.97 7.76
C GLN A 251 -2.96 10.56 9.02
N ALA A 252 -4.28 10.71 9.01
CA ALA A 252 -5.10 10.34 10.16
C ALA A 252 -4.81 8.90 10.59
N ILE A 253 -4.77 8.00 9.61
CA ILE A 253 -4.49 6.61 9.87
C ILE A 253 -3.07 6.43 10.39
N ARG A 254 -2.11 7.13 9.80
CA ARG A 254 -0.71 7.05 10.22
C ARG A 254 -0.61 7.51 11.68
N SER A 255 -1.30 8.59 12.01
CA SER A 255 -1.28 9.14 13.37
C SER A 255 -2.04 8.26 14.35
N LEU A 256 -3.26 7.89 13.99
CA LEU A 256 -4.05 7.05 14.86
C LEU A 256 -3.28 5.78 15.23
N THR A 257 -2.54 5.23 14.27
CA THR A 257 -1.77 4.02 14.50
C THR A 257 -0.71 4.22 15.59
N GLU A 258 0.12 5.24 15.44
CA GLU A 258 1.18 5.55 16.41
C GLU A 258 0.69 6.07 17.77
N ARG A 259 -0.38 6.87 17.74
CA ARG A 259 -0.92 7.48 18.95
C ARG A 259 -1.98 6.72 19.75
N LEU A 260 -2.65 5.77 19.10
CA LEU A 260 -3.72 5.03 19.74
C LEU A 260 -3.66 3.51 19.58
N TYR A 261 -3.77 3.05 18.34
CA TYR A 261 -3.77 1.63 18.05
C TYR A 261 -2.60 0.81 18.57
N ILE A 262 -1.37 1.32 18.53
CA ILE A 262 -0.26 0.51 19.02
C ILE A 262 -0.15 0.53 20.53
N GLY A 263 -0.78 1.51 21.18
CA GLY A 263 -0.72 1.61 22.63
C GLY A 263 -0.93 3.02 23.13
N GLY A 264 -0.75 3.22 24.43
CA GLY A 264 -0.95 4.54 25.01
C GLY A 264 -1.29 4.45 26.49
N PRO A 265 -1.36 5.59 27.18
CA PRO A 265 -1.67 5.65 28.61
C PRO A 265 -3.10 5.21 28.93
N LEU A 266 -3.27 4.57 30.08
CA LEU A 266 -4.58 4.11 30.55
C LEU A 266 -5.00 4.95 31.73
N THR A 267 -6.25 5.38 31.74
CA THR A 267 -6.78 6.20 32.83
C THR A 267 -8.08 5.57 33.35
N ASN A 268 -8.24 5.50 34.68
CA ASN A 268 -9.48 4.93 35.20
C ASN A 268 -10.59 5.98 35.20
N SER A 269 -11.78 5.59 35.66
CA SER A 269 -12.92 6.50 35.68
C SER A 269 -12.71 7.70 36.59
N LYS A 270 -11.81 7.57 37.56
CA LYS A 270 -11.55 8.67 38.49
C LYS A 270 -10.51 9.68 37.99
N GLY A 271 -9.93 9.41 36.81
CA GLY A 271 -8.95 10.33 36.26
C GLY A 271 -7.52 9.96 36.64
N GLN A 272 -7.35 8.84 37.34
CA GLN A 272 -6.03 8.39 37.76
C GLN A 272 -5.35 7.60 36.65
N ASN A 273 -4.03 7.72 36.62
CA ASN A 273 -3.19 7.05 35.63
C ASN A 273 -3.00 5.58 36.06
N CYS A 274 -3.64 4.65 35.33
CA CYS A 274 -3.57 3.22 35.61
C CYS A 274 -2.39 2.46 35.08
N GLY A 275 -1.88 2.87 33.93
CA GLY A 275 -0.76 2.17 33.35
C GLY A 275 -0.61 2.45 31.87
N TYR A 276 0.10 1.57 31.17
CA TYR A 276 0.33 1.77 29.76
C TYR A 276 -0.12 0.52 29.02
N ARG A 277 -0.58 0.70 27.79
CA ARG A 277 -1.06 -0.41 26.95
C ARG A 277 -0.12 -0.57 25.77
N ARG A 278 0.31 -1.81 25.52
CA ARG A 278 1.18 -2.05 24.38
C ARG A 278 0.60 -3.11 23.47
N CYS A 279 -0.70 -3.30 23.56
CA CYS A 279 -1.41 -4.28 22.76
C CYS A 279 -2.73 -3.68 22.22
N ARG A 280 -3.58 -4.53 21.66
CA ARG A 280 -4.84 -4.11 21.08
C ARG A 280 -5.84 -3.60 22.10
N ALA A 281 -6.34 -2.39 21.87
CA ALA A 281 -7.34 -1.81 22.73
C ALA A 281 -8.65 -2.41 22.23
N SER A 282 -9.53 -2.80 23.13
CA SER A 282 -10.79 -3.40 22.73
C SER A 282 -11.80 -2.37 22.20
N GLY A 283 -11.74 -1.14 22.70
CA GLY A 283 -12.71 -0.14 22.30
C GLY A 283 -12.41 0.83 21.18
N VAL A 284 -11.81 0.37 20.10
CA VAL A 284 -11.52 1.24 18.98
C VAL A 284 -12.14 0.67 17.72
N LEU A 285 -12.32 1.51 16.71
CA LEU A 285 -12.94 1.13 15.44
C LEU A 285 -12.19 0.04 14.64
N THR A 286 -10.88 -0.04 14.77
CA THR A 286 -10.08 -1.01 14.05
C THR A 286 -9.93 -2.36 14.76
N THR A 287 -10.47 -2.48 15.97
CA THR A 287 -10.35 -3.73 16.71
C THR A 287 -10.84 -4.97 15.96
N SER A 288 -12.06 -4.93 15.45
CA SER A 288 -12.59 -6.07 14.73
C SER A 288 -11.84 -6.35 13.43
N CYS A 289 -11.72 -5.35 12.56
CA CYS A 289 -10.99 -5.54 11.32
C CYS A 289 -9.55 -6.00 11.57
N GLY A 290 -8.86 -5.28 12.44
CA GLY A 290 -7.49 -5.60 12.80
C GLY A 290 -7.30 -7.02 13.30
N ASN A 291 -8.09 -7.42 14.30
CA ASN A 291 -7.95 -8.78 14.80
C ASN A 291 -8.23 -9.80 13.71
N THR A 292 -9.30 -9.60 12.93
CA THR A 292 -9.62 -10.54 11.86
C THR A 292 -8.44 -10.69 10.90
N LEU A 293 -7.84 -9.58 10.51
CA LEU A 293 -6.71 -9.61 9.60
C LEU A 293 -5.50 -10.30 10.23
N THR A 294 -5.24 -9.99 11.49
CA THR A 294 -4.11 -10.56 12.20
C THR A 294 -4.29 -12.05 12.45
N CYS A 295 -5.49 -12.43 12.86
CA CYS A 295 -5.80 -13.83 13.11
C CYS A 295 -5.65 -14.59 11.79
N TYR A 296 -6.22 -14.01 10.72
CA TYR A 296 -6.16 -14.60 9.39
C TYR A 296 -4.75 -14.76 8.86
N LEU A 297 -3.94 -13.72 9.03
CA LEU A 297 -2.56 -13.74 8.56
C LEU A 297 -1.75 -14.83 9.23
N LYS A 298 -1.77 -14.81 10.56
CA LYS A 298 -1.03 -15.80 11.31
C LYS A 298 -1.52 -17.21 11.00
N ALA A 299 -2.83 -17.41 10.98
CA ALA A 299 -3.36 -18.74 10.71
C ALA A 299 -2.99 -19.26 9.32
N THR A 300 -3.07 -18.40 8.31
CA THR A 300 -2.72 -18.82 6.96
C THR A 300 -1.25 -19.21 6.85
N ALA A 301 -0.38 -18.45 7.51
CA ALA A 301 1.05 -18.75 7.48
C ALA A 301 1.30 -20.02 8.31
N ALA A 302 0.58 -20.16 9.41
CA ALA A 302 0.74 -21.32 10.26
C ALA A 302 0.37 -22.59 9.51
N CYS A 303 -0.62 -22.49 8.63
CA CYS A 303 -1.04 -23.66 7.87
C CYS A 303 0.06 -24.16 6.94
N ARG A 304 0.72 -23.23 6.25
CA ARG A 304 1.79 -23.61 5.36
C ARG A 304 2.91 -24.23 6.19
N ALA A 305 3.32 -23.53 7.23
CA ALA A 305 4.37 -24.01 8.10
C ALA A 305 4.06 -25.39 8.70
N ALA A 306 2.80 -25.64 9.01
CA ALA A 306 2.43 -26.91 9.63
C ALA A 306 2.21 -28.06 8.65
N LYS A 307 2.22 -27.75 7.36
CA LYS A 307 2.01 -28.78 6.36
C LYS A 307 0.56 -29.27 6.25
N LEU A 308 -0.39 -28.54 6.83
CA LEU A 308 -1.80 -28.92 6.72
C LEU A 308 -2.13 -28.74 5.25
N GLN A 309 -3.02 -29.56 4.71
CA GLN A 309 -3.36 -29.45 3.29
C GLN A 309 -4.74 -28.86 2.96
N ASP A 310 -4.76 -27.96 1.98
CA ASP A 310 -5.99 -27.30 1.53
C ASP A 310 -6.81 -26.74 2.69
N CYS A 311 -6.26 -25.73 3.34
CA CYS A 311 -6.87 -25.09 4.50
C CYS A 311 -7.82 -23.95 4.18
N THR A 312 -9.08 -24.09 4.54
CA THR A 312 -10.04 -23.02 4.31
C THR A 312 -10.29 -22.34 5.65
N MET A 313 -10.12 -21.03 5.69
CA MET A 313 -10.32 -20.28 6.93
C MET A 313 -11.65 -19.57 6.96
N LEU A 314 -12.20 -19.42 8.16
CA LEU A 314 -13.42 -18.66 8.35
C LEU A 314 -13.07 -17.88 9.61
N VAL A 315 -12.79 -16.59 9.44
CA VAL A 315 -12.38 -15.76 10.55
C VAL A 315 -13.35 -14.63 10.91
N ASN A 316 -13.63 -14.52 12.21
CA ASN A 316 -14.52 -13.50 12.76
C ASN A 316 -13.74 -12.86 13.91
N GLY A 317 -12.94 -11.84 13.61
CA GLY A 317 -12.16 -11.22 14.65
C GLY A 317 -11.18 -12.27 15.18
N ASP A 318 -11.08 -12.41 16.49
CA ASP A 318 -10.17 -13.38 17.09
C ASP A 318 -10.66 -14.83 16.98
N ASP A 319 -11.93 -15.00 16.61
CA ASP A 319 -12.55 -16.33 16.47
C ASP A 319 -12.10 -17.01 15.17
N LEU A 320 -11.54 -18.21 15.29
CA LEU A 320 -11.06 -18.90 14.10
C LEU A 320 -11.48 -20.37 13.92
N VAL A 321 -11.89 -20.71 12.71
CA VAL A 321 -12.27 -22.09 12.40
C VAL A 321 -11.49 -22.48 11.16
N VAL A 322 -11.01 -23.72 11.13
CA VAL A 322 -10.21 -24.19 10.01
C VAL A 322 -10.70 -25.52 9.50
N ILE A 323 -10.96 -25.59 8.19
CA ILE A 323 -11.41 -26.83 7.57
C ILE A 323 -10.42 -27.21 6.48
N CYS A 324 -9.90 -28.42 6.56
CA CYS A 324 -8.91 -28.90 5.59
C CYS A 324 -9.03 -30.38 5.22
N GLU A 325 -8.15 -30.83 4.32
CA GLU A 325 -8.12 -32.22 3.87
C GLU A 325 -7.42 -33.09 4.89
N SER A 326 -8.13 -34.07 5.44
CA SER A 326 -7.51 -34.95 6.41
C SER A 326 -6.38 -35.70 5.72
N ALA A 327 -5.36 -36.03 6.50
CA ALA A 327 -4.22 -36.75 5.97
C ALA A 327 -4.07 -38.01 6.80
N GLY A 328 -5.05 -38.22 7.68
CA GLY A 328 -5.03 -39.37 8.57
C GLY A 328 -5.05 -38.93 10.01
N THR A 329 -5.62 -39.75 10.87
CA THR A 329 -5.72 -39.46 12.30
C THR A 329 -4.43 -39.03 12.98
N GLN A 330 -3.37 -39.81 12.82
CA GLN A 330 -2.07 -39.50 13.42
C GLN A 330 -1.37 -38.33 12.74
N GLU A 331 -1.51 -38.26 11.42
CA GLU A 331 -0.88 -37.19 10.66
C GLU A 331 -1.56 -35.86 10.99
N ASP A 332 -2.86 -35.91 11.27
CA ASP A 332 -3.62 -34.70 11.60
C ASP A 332 -3.29 -34.20 13.01
N ALA A 333 -3.09 -35.12 13.95
CA ALA A 333 -2.76 -34.76 15.31
C ALA A 333 -1.41 -34.05 15.32
N ALA A 334 -0.49 -34.57 14.53
CA ALA A 334 0.84 -33.98 14.41
C ALA A 334 0.75 -32.61 13.74
N ALA A 335 0.06 -32.54 12.60
CA ALA A 335 -0.09 -31.30 11.87
C ALA A 335 -0.71 -30.20 12.73
N LEU A 336 -1.71 -30.57 13.54
CA LEU A 336 -2.37 -29.59 14.40
C LEU A 336 -1.42 -29.07 15.45
N ARG A 337 -0.66 -29.97 16.07
CA ARG A 337 0.30 -29.54 17.07
C ARG A 337 1.36 -28.62 16.45
N ALA A 338 1.73 -28.89 15.19
CA ALA A 338 2.70 -28.08 14.48
C ALA A 338 2.09 -26.71 14.17
N PHE A 339 0.78 -26.70 13.95
CA PHE A 339 0.06 -25.47 13.65
C PHE A 339 0.09 -24.56 14.86
N THR A 340 -0.07 -25.15 16.03
CA THR A 340 -0.09 -24.39 17.28
C THR A 340 1.30 -23.78 17.60
N GLU A 341 2.35 -24.51 17.24
CA GLU A 341 3.71 -24.05 17.50
C GLU A 341 4.02 -22.87 16.61
N ALA A 342 3.49 -22.90 15.40
CA ALA A 342 3.71 -21.83 14.46
C ALA A 342 2.96 -20.61 15.00
N MET A 343 1.73 -20.84 15.43
CA MET A 343 0.88 -19.78 15.96
C MET A 343 1.50 -19.18 17.21
N THR A 344 2.08 -20.03 18.04
CA THR A 344 2.71 -19.58 19.26
C THR A 344 3.90 -18.69 18.91
N ARG A 345 4.59 -19.05 17.83
CA ARG A 345 5.73 -18.26 17.41
C ARG A 345 5.27 -16.93 16.86
N TYR A 346 4.08 -16.91 16.26
CA TYR A 346 3.53 -15.69 15.71
C TYR A 346 2.86 -14.88 16.80
N SER A 347 3.04 -15.29 18.05
CA SER A 347 2.44 -14.56 19.15
C SER A 347 0.92 -14.74 19.18
N ALA A 348 0.49 -16.00 19.12
CA ALA A 348 -0.92 -16.35 19.18
C ALA A 348 -1.02 -17.72 19.84
N PRO A 349 -0.54 -17.84 21.08
CA PRO A 349 -0.59 -19.11 21.78
C PRO A 349 -2.05 -19.51 22.02
N PRO A 350 -2.30 -20.82 22.11
CA PRO A 350 -3.66 -21.35 22.32
C PRO A 350 -4.11 -21.22 23.76
N GLY A 351 -5.42 -21.19 23.96
CA GLY A 351 -5.97 -21.14 25.30
C GLY A 351 -6.14 -22.61 25.62
N ASP A 352 -7.13 -23.23 24.97
CA ASP A 352 -7.38 -24.65 25.13
C ASP A 352 -6.70 -25.26 23.91
N PRO A 353 -5.94 -26.35 24.09
CA PRO A 353 -5.28 -26.94 22.93
C PRO A 353 -6.32 -27.36 21.90
N PRO A 354 -6.07 -27.02 20.63
CA PRO A 354 -7.02 -27.39 19.57
C PRO A 354 -7.08 -28.90 19.35
N GLN A 355 -8.28 -29.41 19.07
CA GLN A 355 -8.50 -30.83 18.82
C GLN A 355 -9.12 -31.04 17.43
N PRO A 356 -8.57 -32.00 16.69
CA PRO A 356 -9.05 -32.32 15.34
C PRO A 356 -10.49 -32.85 15.37
N GLU A 357 -11.35 -32.33 14.52
CA GLU A 357 -12.73 -32.78 14.46
C GLU A 357 -13.10 -33.38 13.11
N TYR A 358 -13.83 -34.49 13.14
CA TYR A 358 -14.23 -35.15 11.90
C TYR A 358 -15.75 -35.12 11.72
N ASP A 359 -16.40 -34.31 12.52
CA ASP A 359 -17.85 -34.14 12.46
C ASP A 359 -18.19 -32.66 12.61
N LEU A 360 -18.55 -32.03 11.50
CA LEU A 360 -18.89 -30.61 11.48
C LEU A 360 -19.74 -30.12 12.65
N GLU A 361 -20.65 -30.95 13.14
CA GLU A 361 -21.50 -30.53 14.25
C GLU A 361 -20.71 -30.46 15.55
N LEU A 362 -19.46 -30.92 15.52
CA LEU A 362 -18.64 -30.90 16.73
C LEU A 362 -17.67 -29.76 16.83
N ILE A 363 -17.69 -28.85 15.86
CA ILE A 363 -16.80 -27.71 15.86
C ILE A 363 -17.49 -26.45 16.36
N THR A 364 -16.90 -25.79 17.34
CA THR A 364 -17.47 -24.57 17.91
C THR A 364 -16.70 -23.31 17.51
N SER A 365 -17.36 -22.46 16.73
CA SER A 365 -16.80 -21.21 16.25
C SER A 365 -17.82 -20.11 16.44
N CYS A 366 -17.39 -18.99 17.01
CA CYS A 366 -18.30 -17.89 17.29
C CYS A 366 -19.33 -18.41 18.29
N SER A 367 -18.84 -19.23 19.22
CA SER A 367 -19.66 -19.82 20.27
C SER A 367 -20.78 -20.69 19.73
N SER A 368 -20.83 -20.84 18.41
CA SER A 368 -21.87 -21.64 17.77
C SER A 368 -21.35 -22.83 16.98
N ASN A 369 -22.28 -23.64 16.49
CA ASN A 369 -21.97 -24.83 15.69
C ASN A 369 -23.10 -25.10 14.71
N VAL A 370 -22.78 -25.85 13.65
CA VAL A 370 -23.74 -26.23 12.62
C VAL A 370 -24.43 -27.51 13.10
N SER A 371 -25.77 -27.52 13.14
CA SER A 371 -26.49 -28.72 13.56
C SER A 371 -27.32 -29.26 12.39
N VAL A 372 -28.52 -29.77 12.67
CA VAL A 372 -29.36 -30.29 11.60
C VAL A 372 -30.78 -30.64 12.04
N ALA A 373 -31.76 -30.15 11.29
CA ALA A 373 -33.16 -30.40 11.59
C ALA A 373 -33.94 -30.66 10.30
N HIS A 374 -35.26 -30.67 10.36
CA HIS A 374 -36.06 -30.91 9.17
C HIS A 374 -37.20 -29.91 8.98
N ASP A 375 -37.51 -29.62 7.72
CA ASP A 375 -38.59 -28.69 7.39
C ASP A 375 -39.89 -29.45 7.16
N ALA A 376 -40.98 -28.74 6.88
CA ALA A 376 -42.28 -29.36 6.65
C ALA A 376 -42.17 -30.55 5.69
N SER A 377 -41.51 -30.32 4.56
CA SER A 377 -41.30 -31.34 3.54
C SER A 377 -40.59 -32.57 4.11
N GLY A 378 -39.76 -32.35 5.12
CA GLY A 378 -39.05 -33.46 5.73
C GLY A 378 -37.61 -33.61 5.26
N LYS A 379 -37.09 -32.61 4.56
CA LYS A 379 -35.72 -32.68 4.08
C LYS A 379 -34.78 -32.01 5.09
N ARG A 380 -33.57 -32.53 5.17
CA ARG A 380 -32.55 -32.04 6.08
C ARG A 380 -32.19 -30.59 5.82
N VAL A 381 -32.29 -29.79 6.87
CA VAL A 381 -31.95 -28.38 6.78
C VAL A 381 -30.91 -28.05 7.84
N TYR A 382 -29.80 -27.46 7.41
CA TYR A 382 -28.73 -27.07 8.32
C TYR A 382 -29.06 -25.66 8.80
N TYR A 383 -28.62 -25.36 10.02
CA TYR A 383 -28.83 -24.06 10.65
C TYR A 383 -27.78 -23.85 11.75
N LEU A 384 -27.62 -22.61 12.20
CA LEU A 384 -26.63 -22.29 13.23
C LEU A 384 -27.22 -22.29 14.64
N THR A 385 -26.55 -22.95 15.57
CA THR A 385 -27.03 -23.04 16.95
C THR A 385 -25.88 -22.88 17.95
N ARG A 386 -26.21 -22.86 19.25
CA ARG A 386 -25.21 -22.73 20.30
C ARG A 386 -25.73 -23.21 21.65
N ASP A 387 -24.86 -23.31 22.64
CA ASP A 387 -25.32 -23.71 23.96
C ASP A 387 -26.18 -22.54 24.39
N PRO A 388 -27.41 -22.78 24.84
CA PRO A 388 -28.30 -21.69 25.25
C PRO A 388 -28.14 -21.11 26.65
N THR A 389 -27.13 -21.55 27.39
CA THR A 389 -26.96 -21.06 28.74
C THR A 389 -26.88 -19.54 28.84
N THR A 390 -25.84 -18.94 28.25
CA THR A 390 -25.69 -17.49 28.34
C THR A 390 -26.87 -16.70 27.76
N PRO A 391 -27.33 -17.07 26.55
CA PRO A 391 -28.46 -16.35 25.97
C PRO A 391 -29.63 -16.31 26.98
N LEU A 392 -29.93 -17.47 27.56
CA LEU A 392 -31.01 -17.60 28.55
C LEU A 392 -30.70 -16.84 29.84
N ALA A 393 -29.46 -16.95 30.31
CA ALA A 393 -29.07 -16.24 31.53
C ALA A 393 -29.28 -14.75 31.34
N ARG A 394 -28.83 -14.24 30.19
CA ARG A 394 -28.97 -12.81 29.88
C ARG A 394 -30.42 -12.42 29.62
N ALA A 395 -31.23 -13.37 29.14
CA ALA A 395 -32.64 -13.10 28.87
C ALA A 395 -33.27 -12.74 30.21
N ALA A 396 -33.06 -13.61 31.20
CA ALA A 396 -33.58 -13.39 32.55
C ALA A 396 -33.16 -12.03 33.07
N TRP A 397 -31.87 -11.75 32.98
CA TRP A 397 -31.32 -10.49 33.46
C TRP A 397 -32.02 -9.30 32.81
N GLU A 398 -32.10 -9.33 31.49
CA GLU A 398 -32.72 -8.24 30.74
C GLU A 398 -34.22 -8.18 30.96
N THR A 399 -34.75 -9.20 31.63
CA THR A 399 -36.16 -9.28 31.95
C THR A 399 -36.43 -8.61 33.30
N ALA A 400 -35.45 -8.70 34.19
CA ALA A 400 -35.56 -8.13 35.52
C ALA A 400 -35.01 -6.70 35.59
N ARG A 401 -34.13 -6.34 34.65
CA ARG A 401 -33.53 -5.01 34.65
C ARG A 401 -33.60 -4.27 33.32
N HIS A 402 -33.73 -2.95 33.39
CA HIS A 402 -33.77 -2.13 32.19
C HIS A 402 -32.35 -2.03 31.67
N THR A 403 -32.09 -2.74 30.58
CA THR A 403 -30.77 -2.76 29.98
C THR A 403 -30.79 -2.08 28.60
N PRO A 404 -29.75 -1.28 28.30
CA PRO A 404 -29.61 -0.55 27.03
C PRO A 404 -29.79 -1.47 25.83
N ILE A 405 -29.01 -2.54 25.78
CA ILE A 405 -29.08 -3.49 24.68
C ILE A 405 -29.87 -4.74 25.07
N ASN A 406 -30.77 -5.17 24.19
CA ASN A 406 -31.57 -6.35 24.45
C ASN A 406 -30.96 -7.54 23.72
N SER A 407 -29.99 -8.19 24.33
CA SER A 407 -29.35 -9.33 23.68
C SER A 407 -30.34 -10.41 23.31
N TRP A 408 -31.46 -10.47 24.01
CA TRP A 408 -32.45 -11.50 23.72
C TRP A 408 -33.05 -11.29 22.33
N LEU A 409 -33.34 -10.03 22.00
CA LEU A 409 -33.89 -9.72 20.69
C LEU A 409 -32.85 -10.07 19.64
N GLY A 410 -31.60 -9.75 19.94
CA GLY A 410 -30.54 -10.08 19.01
C GLY A 410 -30.44 -11.59 18.83
N ASN A 411 -30.66 -12.35 19.90
CA ASN A 411 -30.57 -13.80 19.81
C ASN A 411 -31.74 -14.41 19.05
N ILE A 412 -32.92 -13.84 19.22
CA ILE A 412 -34.08 -14.33 18.50
C ILE A 412 -33.83 -14.21 17.00
N ILE A 413 -33.24 -13.09 16.59
CA ILE A 413 -32.95 -12.85 15.19
C ILE A 413 -31.86 -13.77 14.66
N MET A 414 -30.70 -13.73 15.29
CA MET A 414 -29.59 -14.57 14.86
C MET A 414 -29.87 -16.07 14.96
N TYR A 415 -30.72 -16.46 15.91
CA TYR A 415 -31.01 -17.87 16.11
C TYR A 415 -32.47 -18.27 15.98
N ALA A 416 -33.18 -17.57 15.12
CA ALA A 416 -34.60 -17.83 14.90
C ALA A 416 -34.99 -19.30 14.71
N PRO A 417 -34.23 -20.07 13.92
CA PRO A 417 -34.58 -21.49 13.73
C PRO A 417 -34.26 -22.49 14.82
N THR A 418 -33.58 -22.08 15.87
CA THR A 418 -33.23 -23.04 16.93
C THR A 418 -34.41 -23.45 17.80
N LEU A 419 -34.27 -24.64 18.38
CA LEU A 419 -35.29 -25.18 19.26
C LEU A 419 -35.51 -24.25 20.45
N TRP A 420 -34.43 -23.84 21.09
CA TRP A 420 -34.51 -22.97 22.25
C TRP A 420 -34.96 -21.53 22.00
N ALA A 421 -34.54 -20.91 20.91
CA ALA A 421 -34.95 -19.54 20.65
C ALA A 421 -36.44 -19.46 20.37
N ARG A 422 -36.95 -20.42 19.61
CA ARG A 422 -38.37 -20.42 19.28
C ARG A 422 -39.21 -20.85 20.48
N MET A 423 -38.89 -22.02 21.04
CA MET A 423 -39.64 -22.56 22.17
C MET A 423 -39.60 -21.73 23.44
N ILE A 424 -38.48 -21.07 23.71
CA ILE A 424 -38.36 -20.29 24.94
C ILE A 424 -38.26 -18.77 24.78
N LEU A 425 -37.32 -18.29 23.98
CA LEU A 425 -37.16 -16.86 23.82
C LEU A 425 -38.37 -16.13 23.23
N MET A 426 -38.87 -16.59 22.09
CA MET A 426 -40.03 -15.96 21.49
C MET A 426 -41.24 -16.02 22.42
N THR A 427 -41.48 -17.18 23.00
CA THR A 427 -42.62 -17.37 23.92
C THR A 427 -42.50 -16.40 25.09
N HIS A 428 -41.40 -16.51 25.83
CA HIS A 428 -41.19 -15.66 26.99
C HIS A 428 -41.38 -14.18 26.66
N PHE A 429 -40.59 -13.67 25.71
CA PHE A 429 -40.67 -12.26 25.41
C PHE A 429 -41.96 -11.72 24.81
N PHE A 430 -42.54 -12.42 23.84
CA PHE A 430 -43.79 -11.92 23.29
C PHE A 430 -44.85 -11.91 24.37
N SER A 431 -44.84 -12.92 25.23
CA SER A 431 -45.80 -12.99 26.31
C SER A 431 -45.71 -11.75 27.18
N ILE A 432 -44.49 -11.35 27.54
CA ILE A 432 -44.28 -10.17 28.36
C ILE A 432 -44.68 -8.89 27.62
N LEU A 433 -44.24 -8.78 26.38
CA LEU A 433 -44.56 -7.59 25.58
C LEU A 433 -46.05 -7.40 25.41
N LEU A 434 -46.79 -8.51 25.28
CA LEU A 434 -48.24 -8.42 25.11
C LEU A 434 -48.89 -8.02 26.42
N ALA A 435 -48.37 -8.55 27.53
CA ALA A 435 -48.91 -8.23 28.84
C ALA A 435 -48.68 -6.77 29.22
N GLN A 436 -47.69 -6.14 28.61
CA GLN A 436 -47.38 -4.75 28.92
C GLN A 436 -47.73 -3.83 27.76
N GLU A 437 -48.22 -4.41 26.67
CA GLU A 437 -48.60 -3.65 25.48
C GLU A 437 -47.41 -2.89 24.89
N GLN A 438 -46.29 -3.60 24.71
CA GLN A 438 -45.06 -3.01 24.16
C GLN A 438 -44.70 -3.63 22.82
N LEU A 439 -45.64 -4.36 22.21
CA LEU A 439 -45.36 -5.01 20.93
C LEU A 439 -44.92 -4.05 19.83
N GLU A 440 -45.08 -2.75 20.07
CA GLU A 440 -44.72 -1.77 19.06
C GLU A 440 -43.47 -0.95 19.39
N LYS A 441 -43.02 -0.99 20.62
CA LYS A 441 -41.83 -0.22 20.98
C LYS A 441 -40.61 -0.86 20.32
N ALA A 442 -39.87 -0.06 19.55
CA ALA A 442 -38.67 -0.55 18.90
C ALA A 442 -37.60 -0.71 19.97
N LEU A 443 -36.79 -1.75 19.86
CA LEU A 443 -35.74 -2.02 20.82
C LEU A 443 -34.36 -2.08 20.18
N ASP A 444 -33.34 -1.68 20.94
CA ASP A 444 -32.00 -1.73 20.41
C ASP A 444 -31.38 -3.07 20.74
N CYS A 445 -30.58 -3.57 19.79
CA CYS A 445 -29.87 -4.83 19.95
C CYS A 445 -28.63 -4.78 19.06
N GLN A 446 -27.77 -5.78 19.17
CA GLN A 446 -26.55 -5.79 18.36
C GLN A 446 -26.40 -7.00 17.46
N ILE A 447 -25.74 -6.77 16.33
CA ILE A 447 -25.45 -7.81 15.36
C ILE A 447 -24.04 -7.49 14.92
N TYR A 448 -23.11 -8.39 15.24
CA TYR A 448 -21.71 -8.22 14.92
C TYR A 448 -21.19 -6.88 15.44
N GLY A 449 -21.60 -6.52 16.65
CA GLY A 449 -21.15 -5.28 17.25
C GLY A 449 -21.92 -4.00 16.99
N ALA A 450 -22.57 -3.89 15.83
CA ALA A 450 -23.33 -2.68 15.50
C ALA A 450 -24.70 -2.64 16.18
N CYS A 451 -25.12 -1.45 16.59
CA CYS A 451 -26.43 -1.28 17.23
C CYS A 451 -27.48 -1.07 16.15
N TYR A 452 -28.62 -1.74 16.32
CA TYR A 452 -29.74 -1.64 15.38
C TYR A 452 -31.05 -1.48 16.16
N SER A 453 -31.92 -0.63 15.65
CA SER A 453 -33.23 -0.41 16.28
C SER A 453 -34.23 -1.31 15.57
N ILE A 454 -34.90 -2.19 16.33
CA ILE A 454 -35.85 -3.12 15.72
C ILE A 454 -37.22 -3.20 16.39
N GLU A 455 -38.25 -3.40 15.58
CA GLU A 455 -39.61 -3.51 16.08
C GLU A 455 -39.95 -5.00 16.13
N PRO A 456 -40.37 -5.48 17.32
CA PRO A 456 -40.74 -6.88 17.54
C PRO A 456 -41.69 -7.46 16.50
N LEU A 457 -42.74 -6.71 16.17
CA LEU A 457 -43.73 -7.19 15.21
C LEU A 457 -43.15 -7.47 13.83
N ASP A 458 -42.01 -6.87 13.52
CA ASP A 458 -41.37 -7.09 12.23
C ASP A 458 -40.57 -8.39 12.18
N LEU A 459 -40.36 -9.01 13.34
CA LEU A 459 -39.60 -10.25 13.40
C LEU A 459 -39.92 -11.31 12.35
N PRO A 460 -41.21 -11.54 12.07
CA PRO A 460 -41.56 -12.55 11.06
C PRO A 460 -40.89 -12.28 9.71
N GLN A 461 -40.92 -11.01 9.27
CA GLN A 461 -40.31 -10.65 7.99
C GLN A 461 -38.81 -10.93 8.03
N ILE A 462 -38.15 -10.31 9.00
CA ILE A 462 -36.71 -10.43 9.19
C ILE A 462 -36.26 -11.89 9.22
N ILE A 463 -36.97 -12.71 9.97
CA ILE A 463 -36.63 -14.12 10.08
C ILE A 463 -36.74 -14.83 8.73
N GLU A 464 -37.87 -14.69 8.05
CA GLU A 464 -38.06 -15.33 6.75
C GLU A 464 -36.96 -14.85 5.79
N ARG A 465 -36.68 -13.56 5.86
CA ARG A 465 -35.67 -12.97 5.00
C ARG A 465 -34.27 -13.50 5.31
N LEU A 466 -33.89 -13.50 6.58
CA LEU A 466 -32.57 -13.97 6.98
C LEU A 466 -32.43 -15.48 6.97
N HIS A 467 -33.51 -16.16 7.34
CA HIS A 467 -33.49 -17.61 7.44
C HIS A 467 -34.34 -18.39 6.45
N GLY A 468 -35.44 -17.78 6.03
CA GLY A 468 -36.33 -18.47 5.11
C GLY A 468 -37.52 -19.03 5.86
N LEU A 469 -38.50 -19.56 5.14
CA LEU A 469 -39.70 -20.10 5.77
C LEU A 469 -39.44 -21.30 6.68
N SER A 470 -38.45 -22.12 6.37
CA SER A 470 -38.15 -23.30 7.18
C SER A 470 -37.91 -23.01 8.65
N ALA A 471 -37.51 -21.78 8.98
CA ALA A 471 -37.25 -21.41 10.37
C ALA A 471 -38.51 -21.50 11.21
N PHE A 472 -39.66 -21.49 10.54
CA PHE A 472 -40.95 -21.56 11.22
C PHE A 472 -41.49 -22.99 11.20
N THR A 473 -40.81 -23.90 10.51
CA THR A 473 -41.32 -25.26 10.45
C THR A 473 -40.34 -26.34 10.89
N LEU A 474 -39.10 -25.95 11.20
CA LEU A 474 -38.10 -26.94 11.61
C LEU A 474 -38.59 -27.82 12.75
N HIS A 475 -38.17 -29.08 12.72
CA HIS A 475 -38.56 -30.06 13.75
C HIS A 475 -37.61 -31.25 13.66
N SER A 476 -37.77 -32.21 14.56
CA SER A 476 -36.90 -33.38 14.58
C SER A 476 -35.44 -32.94 14.66
N TYR A 477 -35.09 -32.25 15.74
CA TYR A 477 -33.71 -31.80 15.90
C TYR A 477 -32.86 -33.01 16.29
N SER A 478 -31.56 -32.91 16.07
CA SER A 478 -30.65 -34.00 16.40
C SER A 478 -30.71 -34.38 17.87
N PRO A 479 -30.34 -35.64 18.20
CA PRO A 479 -30.38 -36.04 19.61
C PRO A 479 -29.37 -35.21 20.39
N GLY A 480 -28.27 -34.86 19.72
CA GLY A 480 -27.23 -34.05 20.35
C GLY A 480 -27.71 -32.66 20.74
N GLU A 481 -28.41 -32.00 19.82
CA GLU A 481 -28.93 -30.67 20.09
C GLU A 481 -30.00 -30.72 21.19
N ILE A 482 -30.80 -31.79 21.16
CA ILE A 482 -31.86 -31.93 22.15
C ILE A 482 -31.29 -32.14 23.54
N ASN A 483 -30.29 -33.02 23.66
CA ASN A 483 -29.69 -33.24 24.96
C ASN A 483 -29.19 -31.94 25.57
N ARG A 484 -28.42 -31.18 24.78
CA ARG A 484 -27.89 -29.92 25.27
C ARG A 484 -28.99 -28.97 25.79
N VAL A 485 -29.99 -28.67 24.96
CA VAL A 485 -31.07 -27.80 25.41
C VAL A 485 -31.63 -28.37 26.72
N ALA A 486 -31.92 -29.66 26.71
CA ALA A 486 -32.46 -30.35 27.87
C ALA A 486 -31.64 -30.12 29.15
N SER A 487 -30.35 -30.40 29.07
CA SER A 487 -29.46 -30.21 30.20
C SER A 487 -29.45 -28.76 30.64
N CYS A 488 -29.32 -27.84 29.68
CA CYS A 488 -29.31 -26.43 30.02
C CYS A 488 -30.51 -26.06 30.89
N LEU A 489 -31.71 -26.39 30.42
CA LEU A 489 -32.94 -26.10 31.14
C LEU A 489 -32.95 -26.71 32.53
N ARG A 490 -32.43 -27.92 32.62
CA ARG A 490 -32.36 -28.66 33.88
C ARG A 490 -31.45 -27.89 34.83
N LYS A 491 -30.28 -27.50 34.32
CA LYS A 491 -29.30 -26.75 35.10
C LYS A 491 -29.75 -25.37 35.57
N LEU A 492 -30.41 -24.61 34.69
CA LEU A 492 -30.86 -23.27 35.05
C LEU A 492 -32.21 -23.21 35.73
N GLY A 493 -32.91 -24.33 35.83
CA GLY A 493 -34.22 -24.30 36.44
C GLY A 493 -35.23 -23.65 35.51
N VAL A 494 -35.11 -23.98 34.23
CA VAL A 494 -36.01 -23.46 33.20
C VAL A 494 -37.09 -24.51 32.94
N PRO A 495 -38.36 -24.08 32.90
CA PRO A 495 -39.47 -25.01 32.65
C PRO A 495 -39.22 -25.87 31.41
N PRO A 496 -39.68 -27.12 31.43
CA PRO A 496 -39.51 -28.05 30.31
C PRO A 496 -40.44 -27.74 29.13
N LEU A 497 -40.20 -28.44 28.03
CA LEU A 497 -40.98 -28.28 26.80
C LEU A 497 -42.47 -28.09 27.04
N ARG A 498 -43.12 -29.03 27.71
CA ARG A 498 -44.55 -28.94 27.93
C ARG A 498 -45.02 -27.59 28.47
N THR A 499 -44.32 -27.04 29.44
CA THR A 499 -44.71 -25.77 30.00
C THR A 499 -44.69 -24.65 28.95
N TRP A 500 -43.64 -24.64 28.14
CA TRP A 500 -43.52 -23.61 27.11
C TRP A 500 -44.59 -23.73 26.03
N ARG A 501 -44.92 -24.96 25.67
CA ARG A 501 -45.93 -25.19 24.63
C ARG A 501 -47.26 -24.59 25.09
N HIS A 502 -47.63 -24.85 26.33
CA HIS A 502 -48.88 -24.32 26.87
C HIS A 502 -48.85 -22.79 26.87
N ARG A 503 -47.72 -22.22 27.24
CA ARG A 503 -47.58 -20.76 27.26
C ARG A 503 -47.63 -20.22 25.85
N ALA A 504 -46.94 -20.89 24.94
CA ALA A 504 -46.95 -20.44 23.55
C ALA A 504 -48.37 -20.50 22.97
N ARG A 505 -49.10 -21.58 23.28
CA ARG A 505 -50.46 -21.73 22.76
C ARG A 505 -51.34 -20.60 23.21
N SER A 506 -51.09 -20.13 24.42
CA SER A 506 -51.86 -19.02 24.97
C SER A 506 -51.49 -17.72 24.25
N VAL A 507 -50.19 -17.46 24.11
CA VAL A 507 -49.72 -16.24 23.45
C VAL A 507 -50.13 -16.19 21.99
N ARG A 508 -49.96 -17.30 21.29
CA ARG A 508 -50.31 -17.37 19.89
C ARG A 508 -51.75 -16.91 19.69
N ALA A 509 -52.66 -17.51 20.45
CA ALA A 509 -54.07 -17.16 20.37
C ALA A 509 -54.28 -15.67 20.65
N LYS A 510 -53.75 -15.18 21.77
CA LYS A 510 -53.91 -13.78 22.12
C LYS A 510 -53.39 -12.85 21.03
N LEU A 511 -52.31 -13.24 20.36
CA LEU A 511 -51.74 -12.44 19.28
C LEU A 511 -52.62 -12.47 18.04
N LEU A 512 -53.19 -13.65 17.78
CA LEU A 512 -54.06 -13.83 16.63
C LEU A 512 -55.29 -12.96 16.74
N SER A 513 -55.82 -12.81 17.95
CA SER A 513 -57.02 -12.01 18.17
C SER A 513 -56.77 -10.51 17.99
N GLN A 514 -55.51 -10.12 17.95
CA GLN A 514 -55.17 -8.72 17.78
C GLN A 514 -55.00 -8.38 16.30
N GLY A 515 -54.93 -9.40 15.46
CA GLY A 515 -54.77 -9.19 14.04
C GLY A 515 -53.54 -8.35 13.73
N GLY A 516 -53.51 -7.78 12.53
CA GLY A 516 -52.38 -6.94 12.14
C GLY A 516 -51.11 -7.75 12.16
N ARG A 517 -49.97 -7.07 12.29
CA ARG A 517 -48.68 -7.74 12.31
C ARG A 517 -48.59 -8.74 13.45
N ALA A 518 -49.30 -8.47 14.53
CA ALA A 518 -49.29 -9.34 15.70
C ALA A 518 -49.83 -10.73 15.31
N ALA A 519 -50.91 -10.74 14.54
CA ALA A 519 -51.49 -12.00 14.10
C ALA A 519 -50.44 -12.76 13.29
N THR A 520 -49.66 -12.02 12.51
CA THR A 520 -48.61 -12.60 11.69
C THR A 520 -47.56 -13.25 12.61
N CYS A 521 -47.27 -12.58 13.71
CA CYS A 521 -46.31 -13.10 14.67
C CYS A 521 -46.81 -14.44 15.20
N GLY A 522 -48.08 -14.45 15.58
CA GLY A 522 -48.69 -15.66 16.10
C GLY A 522 -48.79 -16.81 15.13
N ARG A 523 -48.99 -16.51 13.84
CA ARG A 523 -49.09 -17.58 12.85
C ARG A 523 -47.76 -18.23 12.50
N TYR A 524 -46.73 -17.41 12.30
CA TYR A 524 -45.41 -17.92 11.93
C TYR A 524 -44.51 -18.29 13.11
N LEU A 525 -44.38 -17.37 14.06
CA LEU A 525 -43.51 -17.63 15.20
C LEU A 525 -43.97 -18.84 16.01
N PHE A 526 -45.28 -18.93 16.27
CA PHE A 526 -45.80 -20.02 17.07
C PHE A 526 -46.57 -21.15 16.36
N ASN A 527 -46.17 -21.46 15.14
CA ASN A 527 -46.82 -22.52 14.38
C ASN A 527 -46.41 -23.89 14.95
N TRP A 528 -45.33 -23.93 15.71
CA TRP A 528 -44.88 -25.19 16.30
C TRP A 528 -45.74 -25.59 17.49
N ALA A 529 -46.47 -24.63 18.05
CA ALA A 529 -47.31 -24.88 19.20
C ALA A 529 -48.62 -25.61 18.92
N VAL A 530 -49.15 -25.46 17.71
CA VAL A 530 -50.42 -26.10 17.37
C VAL A 530 -50.35 -27.41 16.61
N ARG A 531 -51.42 -28.21 16.76
CA ARG A 531 -51.57 -29.50 16.09
C ARG A 531 -52.08 -29.21 14.68
N THR A 532 -53.17 -28.44 14.61
CA THR A 532 -53.74 -28.05 13.32
C THR A 532 -52.94 -26.81 12.88
N LYS A 533 -51.80 -27.09 12.26
CA LYS A 533 -50.87 -26.07 11.79
C LYS A 533 -51.38 -25.34 10.56
N LEU A 534 -51.01 -24.06 10.46
CA LEU A 534 -51.43 -23.24 9.34
C LEU A 534 -50.51 -23.49 8.15
N LYS A 535 -50.94 -23.04 6.98
CA LYS A 535 -50.14 -23.18 5.77
C LYS A 535 -49.41 -21.85 5.59
N LEU A 536 -48.16 -21.81 6.04
CA LEU A 536 -47.36 -20.60 5.99
C LEU A 536 -46.76 -20.32 4.62
N THR A 537 -47.11 -19.16 4.07
CA THR A 537 -46.63 -18.73 2.76
C THR A 537 -45.73 -17.52 2.95
N PRO A 538 -44.86 -17.23 1.96
CA PRO A 538 -43.96 -16.09 2.05
C PRO A 538 -44.66 -14.77 2.38
N ILE A 539 -44.15 -14.08 3.40
CA ILE A 539 -44.70 -12.81 3.85
C ILE A 539 -44.33 -11.69 2.89
N PRO A 540 -45.33 -11.00 2.33
CA PRO A 540 -45.19 -9.89 1.39
C PRO A 540 -44.11 -8.87 1.69
N ALA A 541 -44.10 -8.33 2.91
CA ALA A 541 -43.12 -7.33 3.31
C ALA A 541 -41.69 -7.86 3.47
N ALA A 542 -41.52 -9.17 3.40
CA ALA A 542 -40.20 -9.77 3.55
C ALA A 542 -39.28 -9.44 2.38
N SER A 543 -39.86 -9.30 1.19
CA SER A 543 -39.10 -8.98 -0.01
C SER A 543 -38.84 -7.48 -0.04
N GLN A 544 -39.61 -6.73 0.73
CA GLN A 544 -39.46 -5.29 0.80
C GLN A 544 -38.31 -4.92 1.74
N LEU A 545 -37.83 -5.91 2.49
CA LEU A 545 -36.74 -5.72 3.44
C LEU A 545 -35.34 -5.58 2.85
N ASP A 546 -34.55 -4.70 3.45
CA ASP A 546 -33.18 -4.47 3.01
C ASP A 546 -32.26 -4.68 4.20
N LEU A 547 -31.83 -5.92 4.42
CA LEU A 547 -30.95 -6.21 5.54
C LEU A 547 -29.51 -6.33 5.08
N SER A 548 -29.16 -5.61 4.01
CA SER A 548 -27.81 -5.64 3.46
C SER A 548 -26.77 -5.24 4.51
N GLY A 549 -26.84 -3.98 4.94
CA GLY A 549 -25.91 -3.44 5.91
C GLY A 549 -25.76 -4.23 7.21
N TRP A 550 -26.63 -5.23 7.39
CA TRP A 550 -26.60 -6.04 8.60
C TRP A 550 -25.41 -6.98 8.64
N PHE A 551 -25.08 -7.58 7.50
CA PHE A 551 -23.95 -8.52 7.44
C PHE A 551 -22.90 -8.11 6.41
N VAL A 552 -22.16 -7.05 6.75
CA VAL A 552 -21.11 -6.53 5.90
C VAL A 552 -19.77 -6.71 6.58
N ALA A 553 -19.69 -6.24 7.83
CA ALA A 553 -18.47 -6.31 8.63
C ALA A 553 -18.72 -6.31 10.13
N GLY A 554 -17.67 -6.65 10.89
CA GLY A 554 -17.74 -6.67 12.34
C GLY A 554 -17.35 -5.33 12.92
N TYR A 555 -18.03 -4.93 13.99
CA TYR A 555 -17.78 -3.63 14.62
C TYR A 555 -17.66 -3.67 16.13
N SER A 556 -17.70 -4.86 16.72
CA SER A 556 -17.61 -4.99 18.17
C SER A 556 -16.49 -4.15 18.75
N GLY A 557 -16.87 -3.24 19.64
CA GLY A 557 -15.92 -2.34 20.27
C GLY A 557 -15.77 -1.04 19.50
N GLY A 558 -16.25 -1.06 18.25
CA GLY A 558 -16.15 0.09 17.37
C GLY A 558 -17.11 1.24 17.63
N ASP A 559 -18.04 1.07 18.57
CA ASP A 559 -18.97 2.16 18.87
C ASP A 559 -19.73 2.58 17.60
N ILE A 560 -20.43 1.63 16.98
CA ILE A 560 -21.19 1.90 15.74
C ILE A 560 -22.72 1.73 15.87
N TYR A 561 -23.45 2.58 15.17
CA TYR A 561 -24.92 2.55 15.19
C TYR A 561 -25.51 2.69 13.79
N HIS A 562 -26.07 1.62 13.25
CA HIS A 562 -26.67 1.68 11.91
C HIS A 562 -28.15 2.06 11.99
N SER A 563 -28.46 3.32 11.70
CA SER A 563 -29.85 3.77 11.75
C SER A 563 -30.64 3.29 10.53
N SER B 1 -4.58 23.05 -12.21
CA SER B 1 -3.94 24.29 -11.67
C SER B 1 -2.81 24.76 -12.55
N MET B 2 -2.32 25.97 -12.29
CA MET B 2 -1.21 26.52 -13.03
C MET B 2 0.05 25.82 -12.54
N SER B 3 0.87 25.34 -13.46
CA SER B 3 2.10 24.65 -13.12
C SER B 3 3.06 25.57 -12.36
N TYR B 4 3.00 26.86 -12.68
CA TYR B 4 3.87 27.85 -12.07
C TYR B 4 3.19 29.20 -11.95
N THR B 5 3.63 29.97 -10.97
CA THR B 5 3.14 31.31 -10.73
C THR B 5 4.43 32.08 -10.46
N TRP B 6 4.63 33.21 -11.13
CA TRP B 6 5.86 33.98 -10.92
C TRP B 6 5.56 35.31 -10.26
N THR B 7 6.48 35.76 -9.41
CA THR B 7 6.31 37.03 -8.70
C THR B 7 6.89 38.17 -9.51
N GLY B 8 7.93 37.87 -10.28
CA GLY B 8 8.56 38.90 -11.08
C GLY B 8 10.06 38.86 -10.84
N ALA B 9 10.48 38.20 -9.76
CA ALA B 9 11.90 38.10 -9.45
C ALA B 9 12.57 37.25 -10.53
N LEU B 10 13.81 37.60 -10.84
CA LEU B 10 14.54 36.90 -11.89
C LEU B 10 15.24 35.63 -11.42
N ILE B 11 15.44 34.70 -12.35
CA ILE B 11 16.13 33.45 -12.05
C ILE B 11 17.61 33.74 -12.21
N THR B 12 18.16 34.44 -11.22
CA THR B 12 19.56 34.82 -11.21
C THR B 12 20.49 33.63 -11.03
N PRO B 13 21.74 33.79 -11.45
CA PRO B 13 22.78 32.75 -11.33
C PRO B 13 23.61 32.99 -10.06
N CYS B 14 24.53 32.08 -9.74
CA CYS B 14 25.36 32.25 -8.53
C CYS B 14 26.68 32.95 -8.90
N ALA B 15 27.28 32.55 -10.01
CA ALA B 15 28.52 33.14 -10.48
C ALA B 15 28.39 33.41 -11.98
N ALA B 16 29.44 33.93 -12.60
CA ALA B 16 29.42 34.23 -14.03
C ALA B 16 28.98 33.01 -14.84
N GLU B 17 28.57 33.24 -16.08
CA GLU B 17 28.12 32.15 -16.95
C GLU B 17 28.77 32.21 -18.33
N GLU B 18 29.30 31.07 -18.77
CA GLU B 18 29.95 30.98 -20.07
C GLU B 18 28.95 30.59 -21.13
N SER B 19 28.77 31.46 -22.11
CA SER B 19 27.82 31.20 -23.19
C SER B 19 28.47 30.48 -24.36
N LYS B 20 29.73 30.82 -24.64
CA LYS B 20 30.44 30.21 -25.76
C LYS B 20 31.85 29.75 -25.39
N LEU B 21 32.49 29.08 -26.33
CA LEU B 21 33.85 28.60 -26.14
C LEU B 21 34.78 29.81 -25.96
N PRO B 22 35.93 29.60 -25.29
CA PRO B 22 36.90 30.68 -25.06
C PRO B 22 37.48 31.30 -26.34
N ILE B 23 37.85 32.58 -26.27
CA ILE B 23 38.42 33.28 -27.41
C ILE B 23 39.73 32.58 -27.76
N ASN B 24 39.85 32.12 -29.01
CA ASN B 24 41.05 31.42 -29.45
C ASN B 24 41.22 30.23 -28.50
N PRO B 25 40.26 29.29 -28.55
CA PRO B 25 40.23 28.09 -27.72
C PRO B 25 41.22 26.99 -28.11
N LEU B 26 40.96 25.80 -27.58
CA LEU B 26 41.76 24.61 -27.83
C LEU B 26 40.80 23.63 -28.49
N SER B 27 39.52 24.00 -28.44
CA SER B 27 38.43 23.20 -28.99
C SER B 27 38.61 22.84 -30.46
N ASN B 28 39.20 23.74 -31.22
CA ASN B 28 39.40 23.50 -32.65
C ASN B 28 40.20 22.22 -32.92
N SER B 29 40.83 21.67 -31.88
CA SER B 29 41.60 20.44 -32.03
C SER B 29 40.69 19.30 -32.47
N LEU B 30 39.44 19.34 -31.99
CA LEU B 30 38.46 18.30 -32.31
C LEU B 30 37.59 18.70 -33.49
N LEU B 31 36.84 19.79 -33.33
CA LEU B 31 35.98 20.26 -34.39
C LEU B 31 36.29 21.72 -34.73
N ARG B 32 36.09 22.08 -35.99
CA ARG B 32 36.37 23.43 -36.46
C ARG B 32 35.41 24.50 -35.95
N HIS B 33 34.32 24.71 -36.68
CA HIS B 33 33.31 25.71 -36.35
C HIS B 33 32.99 25.83 -34.87
N HIS B 34 33.70 26.71 -34.17
CA HIS B 34 33.50 26.90 -32.73
C HIS B 34 32.26 27.73 -32.42
N ASN B 35 31.49 28.08 -33.44
CA ASN B 35 30.29 28.89 -33.25
C ASN B 35 29.02 28.06 -33.22
N MET B 36 29.08 26.86 -33.78
CA MET B 36 27.92 25.97 -33.81
C MET B 36 27.68 25.36 -32.42
N VAL B 37 28.57 25.69 -31.49
CA VAL B 37 28.51 25.17 -30.12
C VAL B 37 28.23 26.26 -29.08
N TYR B 38 27.27 25.99 -28.17
CA TYR B 38 26.92 26.94 -27.13
C TYR B 38 26.47 26.25 -25.83
N ALA B 39 26.32 27.04 -24.78
CA ALA B 39 25.90 26.55 -23.48
C ALA B 39 24.84 27.47 -22.89
N THR B 40 23.70 26.89 -22.52
CA THR B 40 22.58 27.64 -21.94
C THR B 40 22.94 28.37 -20.65
N THR B 41 22.37 29.56 -20.47
CA THR B 41 22.61 30.35 -19.27
C THR B 41 21.31 30.99 -18.80
N SER B 42 21.35 31.60 -17.61
CA SER B 42 20.18 32.23 -17.03
C SER B 42 19.58 33.33 -17.89
N ARG B 43 20.28 33.71 -18.95
CA ARG B 43 19.78 34.75 -19.84
C ARG B 43 18.53 34.29 -20.59
N SER B 44 18.44 32.99 -20.88
CA SER B 44 17.29 32.46 -21.59
C SER B 44 16.24 31.81 -20.69
N ALA B 45 16.37 31.98 -19.39
CA ALA B 45 15.42 31.38 -18.45
C ALA B 45 13.99 31.85 -18.75
N SER B 46 13.84 33.14 -19.00
CA SER B 46 12.54 33.71 -19.32
C SER B 46 11.85 32.91 -20.42
N LEU B 47 12.64 32.40 -21.35
CA LEU B 47 12.08 31.62 -22.45
C LEU B 47 11.63 30.26 -21.97
N ARG B 48 12.33 29.69 -21.01
CA ARG B 48 11.93 28.38 -20.50
C ARG B 48 10.65 28.56 -19.69
N GLN B 49 10.66 29.56 -18.81
CA GLN B 49 9.50 29.85 -17.98
C GLN B 49 8.21 29.90 -18.79
N LYS B 50 8.26 30.55 -19.94
CA LYS B 50 7.07 30.65 -20.78
C LYS B 50 6.63 29.30 -21.33
N LYS B 51 7.58 28.39 -21.53
CA LYS B 51 7.24 27.06 -22.05
C LYS B 51 6.62 26.14 -21.00
N VAL B 52 7.09 26.23 -19.77
CA VAL B 52 6.60 25.36 -18.71
C VAL B 52 5.44 25.88 -17.86
N THR B 53 5.03 27.11 -18.12
CA THR B 53 3.94 27.70 -17.35
C THR B 53 2.63 27.56 -18.11
N PHE B 54 1.69 26.81 -17.54
CA PHE B 54 0.38 26.59 -18.16
C PHE B 54 -0.58 25.85 -17.21
N ASP B 55 -1.85 25.82 -17.56
CA ASP B 55 -2.85 25.15 -16.74
C ASP B 55 -2.97 23.68 -17.17
N ARG B 56 -3.07 22.78 -16.19
CA ARG B 56 -3.20 21.36 -16.47
C ARG B 56 -4.65 20.92 -16.31
N LEU B 57 -5.20 20.23 -17.30
CA LEU B 57 -6.59 19.77 -17.20
C LEU B 57 -6.63 18.25 -17.37
N GLN B 58 -6.44 17.57 -16.24
CA GLN B 58 -6.41 16.12 -16.21
C GLN B 58 -7.77 15.49 -15.95
N VAL B 59 -8.11 14.49 -16.75
CA VAL B 59 -9.37 13.76 -16.60
C VAL B 59 -9.08 12.28 -16.60
N LEU B 60 -9.28 11.63 -15.46
CA LEU B 60 -9.01 10.20 -15.33
C LEU B 60 -10.20 9.30 -15.69
N ASP B 61 -9.88 8.09 -16.16
CA ASP B 61 -10.92 7.12 -16.53
C ASP B 61 -10.66 5.77 -15.86
N ASP B 62 -11.46 4.77 -16.21
CA ASP B 62 -11.29 3.45 -15.61
C ASP B 62 -10.00 2.75 -16.02
N HIS B 63 -9.57 2.99 -17.24
CA HIS B 63 -8.34 2.36 -17.71
C HIS B 63 -7.19 2.77 -16.82
N TYR B 64 -7.12 4.07 -16.53
CA TYR B 64 -6.09 4.64 -15.66
C TYR B 64 -6.13 3.94 -14.30
N ARG B 65 -7.32 3.87 -13.71
CA ARG B 65 -7.52 3.25 -12.41
C ARG B 65 -7.24 1.75 -12.38
N ASP B 66 -7.60 1.06 -13.46
CA ASP B 66 -7.34 -0.37 -13.53
C ASP B 66 -5.83 -0.58 -13.51
N VAL B 67 -5.11 0.20 -14.30
CA VAL B 67 -3.65 0.10 -14.37
C VAL B 67 -3.01 0.48 -13.04
N LEU B 68 -3.52 1.55 -12.43
CA LEU B 68 -3.00 1.99 -11.15
C LEU B 68 -3.10 0.84 -10.15
N LYS B 69 -4.28 0.25 -10.04
CA LYS B 69 -4.47 -0.86 -9.11
C LYS B 69 -3.52 -2.02 -9.39
N GLU B 70 -3.19 -2.24 -10.67
CA GLU B 70 -2.28 -3.31 -11.05
C GLU B 70 -0.86 -2.99 -10.60
N MET B 71 -0.48 -1.72 -10.75
CA MET B 71 0.85 -1.31 -10.35
C MET B 71 1.02 -1.42 -8.84
N LYS B 72 0.01 -0.99 -8.10
CA LYS B 72 0.07 -1.04 -6.64
C LYS B 72 0.22 -2.48 -6.13
N ALA B 73 -0.56 -3.40 -6.70
CA ALA B 73 -0.49 -4.80 -6.30
C ALA B 73 0.95 -5.30 -6.38
N LYS B 74 1.69 -4.81 -7.36
CA LYS B 74 3.09 -5.20 -7.52
C LYS B 74 3.98 -4.46 -6.53
N ALA B 75 3.64 -3.21 -6.26
CA ALA B 75 4.41 -2.42 -5.32
C ALA B 75 4.38 -3.02 -3.93
N SER B 76 3.26 -3.64 -3.60
CA SER B 76 3.05 -4.24 -2.29
C SER B 76 3.97 -5.44 -1.98
N THR B 77 4.85 -5.77 -2.91
CA THR B 77 5.76 -6.90 -2.70
C THR B 77 7.09 -6.40 -2.17
N VAL B 78 7.29 -5.08 -2.30
CA VAL B 78 8.52 -4.45 -1.87
C VAL B 78 8.63 -4.12 -0.41
N LYS B 79 9.81 -4.35 0.15
CA LYS B 79 10.10 -4.04 1.52
C LYS B 79 11.30 -3.12 1.45
N ALA B 80 11.07 -1.83 1.66
CA ALA B 80 12.14 -0.84 1.59
C ALA B 80 12.78 -0.62 2.95
N LYS B 81 14.10 -0.41 2.97
CA LYS B 81 14.77 -0.17 4.24
C LYS B 81 15.01 1.31 4.42
N LEU B 82 15.12 1.72 5.67
CA LEU B 82 15.34 3.09 6.03
C LEU B 82 16.84 3.31 6.23
N LEU B 83 17.48 3.99 5.27
CA LEU B 83 18.92 4.26 5.37
C LEU B 83 19.25 5.07 6.61
N SER B 84 20.43 4.81 7.18
CA SER B 84 20.88 5.54 8.36
C SER B 84 21.51 6.84 7.87
N ILE B 85 21.63 7.83 8.76
CA ILE B 85 22.22 9.08 8.35
C ILE B 85 23.63 8.87 7.79
N GLU B 86 24.39 7.94 8.34
CA GLU B 86 25.73 7.66 7.83
C GLU B 86 25.63 7.24 6.36
N GLU B 87 24.85 6.21 6.11
CA GLU B 87 24.65 5.69 4.75
C GLU B 87 24.17 6.77 3.77
N ALA B 88 23.29 7.64 4.25
CA ALA B 88 22.75 8.71 3.43
C ALA B 88 23.84 9.67 3.00
N CYS B 89 24.64 10.11 3.96
CA CYS B 89 25.74 11.03 3.68
C CYS B 89 26.73 10.47 2.65
N LYS B 90 27.10 9.21 2.81
CA LYS B 90 28.04 8.54 1.90
C LYS B 90 27.58 8.52 0.45
N LEU B 91 26.32 8.91 0.23
CA LEU B 91 25.73 8.93 -1.11
C LEU B 91 25.71 10.34 -1.69
N THR B 92 26.14 11.30 -0.89
CA THR B 92 26.17 12.71 -1.30
C THR B 92 27.38 13.06 -2.17
N PRO B 93 27.13 13.54 -3.40
CA PRO B 93 28.22 13.91 -4.30
C PRO B 93 29.09 14.95 -3.62
N PRO B 94 30.40 14.82 -3.75
CA PRO B 94 31.41 15.73 -3.16
C PRO B 94 31.19 17.18 -3.60
N HIS B 95 30.59 17.34 -4.77
CA HIS B 95 30.33 18.67 -5.32
C HIS B 95 28.91 19.19 -5.11
N SER B 96 28.06 18.40 -4.46
CA SER B 96 26.68 18.81 -4.20
C SER B 96 26.62 20.21 -3.57
N ALA B 97 25.58 20.98 -3.92
CA ALA B 97 25.41 22.34 -3.43
C ALA B 97 25.30 22.43 -1.91
N LYS B 98 26.13 23.28 -1.33
CA LYS B 98 26.15 23.46 0.12
C LYS B 98 24.82 23.91 0.69
N SER B 99 24.63 23.61 1.97
CA SER B 99 23.42 23.99 2.69
C SER B 99 23.49 25.48 3.04
N LYS B 100 22.34 26.11 3.19
CA LYS B 100 22.30 27.52 3.55
C LYS B 100 22.55 27.59 5.05
N PHE B 101 22.96 26.48 5.64
CA PHE B 101 23.18 26.40 7.07
C PHE B 101 24.62 26.29 7.58
N GLY B 102 25.57 26.77 6.79
CA GLY B 102 26.96 26.75 7.22
C GLY B 102 27.78 25.48 7.05
N TYR B 103 27.35 24.59 6.18
CA TYR B 103 28.10 23.36 5.93
C TYR B 103 27.92 22.95 4.49
N GLY B 104 28.84 22.14 3.98
CA GLY B 104 28.76 21.73 2.60
C GLY B 104 28.79 20.24 2.39
N ALA B 105 28.93 19.83 1.14
CA ALA B 105 28.96 18.42 0.79
C ALA B 105 30.04 17.66 1.53
N LYS B 106 31.27 18.17 1.50
CA LYS B 106 32.37 17.49 2.17
C LYS B 106 32.10 17.30 3.66
N ASP B 107 31.42 18.26 4.28
CA ASP B 107 31.10 18.16 5.69
C ASP B 107 30.15 16.99 5.94
N VAL B 108 29.18 16.84 5.04
CA VAL B 108 28.20 15.77 5.11
C VAL B 108 28.86 14.41 4.94
N ARG B 109 29.71 14.29 3.92
CA ARG B 109 30.41 13.04 3.67
C ARG B 109 31.33 12.69 4.83
N ASN B 110 31.83 13.73 5.50
CA ASN B 110 32.71 13.55 6.65
C ASN B 110 31.90 13.46 7.94
N LEU B 111 30.58 13.46 7.82
CA LEU B 111 29.72 13.37 8.98
C LEU B 111 30.07 14.43 10.03
N SER B 112 30.30 15.65 9.58
CA SER B 112 30.62 16.75 10.49
C SER B 112 29.47 16.87 11.47
N SER B 113 29.76 17.18 12.72
CA SER B 113 28.71 17.29 13.72
C SER B 113 27.67 18.33 13.31
N ARG B 114 28.11 19.48 12.82
CA ARG B 114 27.19 20.54 12.40
C ARG B 114 26.22 20.02 11.34
N ALA B 115 26.75 19.33 10.35
CA ALA B 115 25.93 18.78 9.27
C ALA B 115 24.98 17.69 9.78
N VAL B 116 25.50 16.79 10.60
CA VAL B 116 24.73 15.68 11.15
C VAL B 116 23.63 16.19 12.10
N ASN B 117 23.92 17.28 12.79
CA ASN B 117 22.96 17.86 13.71
C ASN B 117 21.79 18.47 12.96
N HIS B 118 22.09 19.17 11.86
CA HIS B 118 21.05 19.80 11.08
C HIS B 118 20.24 18.76 10.33
N ILE B 119 20.92 17.79 9.72
CA ILE B 119 20.23 16.74 8.99
C ILE B 119 19.23 16.09 9.94
N ARG B 120 19.72 15.68 11.10
CA ARG B 120 18.86 15.05 12.09
C ARG B 120 17.70 15.97 12.50
N SER B 121 17.94 17.27 12.55
CA SER B 121 16.88 18.19 12.90
C SER B 121 15.87 18.28 11.76
N VAL B 122 16.35 18.23 10.52
CA VAL B 122 15.45 18.30 9.37
C VAL B 122 14.52 17.09 9.36
N TRP B 123 15.05 15.96 9.80
CA TRP B 123 14.30 14.72 9.85
C TRP B 123 13.20 14.76 10.88
N GLU B 124 13.47 15.40 12.01
CA GLU B 124 12.47 15.50 13.06
C GLU B 124 11.38 16.47 12.62
N ASP B 125 11.76 17.48 11.86
CA ASP B 125 10.82 18.46 11.38
C ASP B 125 9.83 17.79 10.43
N LEU B 126 10.27 16.76 9.73
CA LEU B 126 9.38 16.06 8.82
C LEU B 126 8.36 15.28 9.66
N LEU B 127 8.74 14.88 10.86
CA LEU B 127 7.83 14.14 11.73
C LEU B 127 6.90 15.08 12.47
N GLU B 128 7.47 16.19 12.93
CA GLU B 128 6.72 17.20 13.68
C GLU B 128 5.82 18.10 12.84
N ASP B 129 6.20 18.34 11.59
CA ASP B 129 5.44 19.20 10.69
C ASP B 129 5.11 18.47 9.41
N THR B 130 3.82 18.37 9.11
CA THR B 130 3.38 17.64 7.93
C THR B 130 2.75 18.54 6.89
N GLU B 131 2.88 19.85 7.03
CA GLU B 131 2.20 20.72 6.08
C GLU B 131 2.95 21.92 5.48
N THR B 132 3.73 22.61 6.29
CA THR B 132 4.46 23.79 5.81
C THR B 132 5.32 23.48 4.59
N PRO B 133 5.12 24.22 3.49
CA PRO B 133 5.90 24.02 2.27
C PRO B 133 7.39 24.16 2.53
N ILE B 134 8.18 23.26 1.97
CA ILE B 134 9.64 23.31 2.13
C ILE B 134 10.25 24.15 1.03
N ASP B 135 11.15 25.05 1.39
CA ASP B 135 11.79 25.95 0.44
C ASP B 135 12.63 25.23 -0.60
N THR B 136 12.67 25.82 -1.79
CA THR B 136 13.49 25.28 -2.88
C THR B 136 14.17 26.43 -3.62
N THR B 137 15.29 26.13 -4.27
CA THR B 137 16.00 27.13 -5.02
C THR B 137 15.81 26.80 -6.49
N ILE B 138 15.66 27.84 -7.30
CA ILE B 138 15.52 27.62 -8.73
C ILE B 138 16.73 28.24 -9.45
N MET B 139 17.39 27.44 -10.26
CA MET B 139 18.57 27.87 -11.00
C MET B 139 18.40 27.50 -12.46
N ALA B 140 19.09 28.22 -13.33
CA ALA B 140 19.02 27.90 -14.74
C ALA B 140 20.22 26.98 -14.88
N LYS B 141 20.05 25.81 -15.48
CA LYS B 141 21.18 24.91 -15.62
C LYS B 141 21.98 25.19 -16.88
N SER B 142 23.25 24.81 -16.84
CA SER B 142 24.14 25.02 -17.96
C SER B 142 24.29 23.73 -18.76
N GLU B 143 23.97 23.80 -20.04
CA GLU B 143 24.09 22.65 -20.91
C GLU B 143 24.62 23.09 -22.28
N VAL B 144 25.43 22.23 -22.88
CA VAL B 144 26.01 22.51 -24.17
C VAL B 144 25.25 21.81 -25.29
N PHE B 145 25.04 22.53 -26.39
CA PHE B 145 24.35 21.98 -27.55
C PHE B 145 24.94 22.55 -28.84
N CYS B 146 24.44 22.07 -29.97
CA CYS B 146 24.87 22.53 -31.29
C CYS B 146 23.73 23.34 -31.89
N VAL B 147 24.04 24.51 -32.44
CA VAL B 147 23.00 25.34 -33.03
C VAL B 147 22.14 24.56 -34.01
N GLN B 148 20.83 24.69 -33.86
CA GLN B 148 19.88 24.01 -34.75
C GLN B 148 19.62 24.90 -35.96
N PRO B 149 19.50 24.29 -37.15
CA PRO B 149 19.24 25.01 -38.40
C PRO B 149 17.90 25.76 -38.40
N GLY B 153 16.79 27.80 -33.41
CA GLY B 153 18.23 28.17 -33.29
C GLY B 153 18.90 27.58 -32.07
N ARG B 154 18.71 28.22 -30.92
CA ARG B 154 19.30 27.75 -29.67
C ARG B 154 18.22 27.49 -28.62
N LYS B 155 18.21 26.30 -28.04
CA LYS B 155 17.22 25.95 -27.02
C LYS B 155 17.59 26.64 -25.71
N PRO B 156 16.56 27.05 -24.94
CA PRO B 156 16.74 27.73 -23.65
C PRO B 156 17.07 26.81 -22.48
N ALA B 157 17.77 27.38 -21.50
CA ALA B 157 18.17 26.65 -20.31
C ALA B 157 16.99 25.97 -19.62
N ARG B 158 17.26 24.84 -18.98
CA ARG B 158 16.22 24.14 -18.26
C ARG B 158 16.26 24.69 -16.85
N LEU B 159 15.19 24.47 -16.10
CA LEU B 159 15.13 24.96 -14.74
C LEU B 159 15.26 23.82 -13.76
N ILE B 160 16.17 23.98 -12.79
CA ILE B 160 16.36 22.98 -11.76
C ILE B 160 15.84 23.57 -10.46
N VAL B 161 15.00 22.79 -9.79
CA VAL B 161 14.41 23.19 -8.52
C VAL B 161 14.83 22.12 -7.54
N PHE B 162 15.44 22.55 -6.43
CA PHE B 162 15.93 21.60 -5.45
C PHE B 162 15.92 22.16 -4.03
N PRO B 163 15.72 21.28 -3.04
CA PRO B 163 15.69 21.67 -1.63
C PRO B 163 17.10 21.76 -1.05
N ASP B 164 17.21 22.24 0.19
CA ASP B 164 18.49 22.38 0.86
C ASP B 164 19.17 21.04 1.00
N LEU B 165 20.50 21.06 1.11
CA LEU B 165 21.27 19.84 1.25
C LEU B 165 20.74 18.95 2.38
N GLY B 166 20.38 19.57 3.50
CA GLY B 166 19.86 18.82 4.64
C GLY B 166 18.67 17.97 4.25
N VAL B 167 17.73 18.61 3.56
CA VAL B 167 16.54 17.93 3.09
C VAL B 167 16.92 16.80 2.13
N ARG B 168 17.88 17.03 1.26
CA ARG B 168 18.25 15.99 0.31
C ARG B 168 18.78 14.73 1.01
N VAL B 169 19.52 14.92 2.10
CA VAL B 169 20.04 13.79 2.83
C VAL B 169 18.90 13.00 3.44
N CYS B 170 17.85 13.70 3.87
CA CYS B 170 16.71 13.01 4.47
C CYS B 170 15.89 12.23 3.44
N GLU B 171 15.81 12.77 2.22
CA GLU B 171 15.06 12.09 1.17
C GLU B 171 15.71 10.74 0.95
N LYS B 172 17.04 10.73 0.99
CA LYS B 172 17.77 9.50 0.79
C LYS B 172 17.44 8.51 1.91
N MET B 173 17.52 8.96 3.16
CA MET B 173 17.23 8.09 4.29
C MET B 173 15.90 7.41 4.12
N ALA B 174 14.89 8.17 3.69
CA ALA B 174 13.55 7.66 3.53
C ALA B 174 13.17 7.00 2.20
N LEU B 175 13.75 7.46 1.10
CA LEU B 175 13.38 6.92 -0.20
C LEU B 175 14.44 6.30 -1.10
N TYR B 176 15.71 6.45 -0.77
CA TYR B 176 16.75 5.87 -1.59
C TYR B 176 16.48 4.42 -1.95
N ASP B 177 16.23 3.58 -0.95
CA ASP B 177 15.98 2.18 -1.23
C ASP B 177 14.71 1.99 -2.05
N VAL B 178 13.69 2.80 -1.76
CA VAL B 178 12.42 2.72 -2.49
C VAL B 178 12.62 3.02 -3.97
N VAL B 179 13.23 4.16 -4.27
CA VAL B 179 13.44 4.55 -5.65
C VAL B 179 14.38 3.61 -6.39
N SER B 180 15.18 2.86 -5.64
CA SER B 180 16.14 1.92 -6.24
C SER B 180 15.53 0.55 -6.54
N THR B 181 14.47 0.19 -5.84
CA THR B 181 13.91 -1.12 -6.04
C THR B 181 12.44 -1.19 -6.45
N LEU B 182 11.65 -0.17 -6.13
CA LEU B 182 10.24 -0.21 -6.49
C LEU B 182 9.94 -0.12 -8.00
N PRO B 183 10.67 0.74 -8.74
CA PRO B 183 10.45 0.87 -10.18
C PRO B 183 10.38 -0.47 -10.91
N GLN B 184 11.38 -1.31 -10.69
CA GLN B 184 11.39 -2.62 -11.35
C GLN B 184 10.34 -3.59 -10.82
N ALA B 185 10.10 -3.56 -9.51
CA ALA B 185 9.11 -4.46 -8.94
C ALA B 185 7.72 -4.15 -9.51
N VAL B 186 7.51 -2.91 -9.91
CA VAL B 186 6.21 -2.52 -10.46
C VAL B 186 6.11 -2.69 -11.96
N MET B 187 7.12 -2.20 -12.68
CA MET B 187 7.13 -2.23 -14.14
C MET B 187 7.93 -3.35 -14.79
N GLY B 188 8.64 -4.13 -13.98
CA GLY B 188 9.43 -5.23 -14.51
C GLY B 188 10.36 -4.89 -15.66
N SER B 189 10.31 -5.70 -16.70
CA SER B 189 11.16 -5.53 -17.87
C SER B 189 10.99 -4.21 -18.60
N SER B 190 9.86 -3.54 -18.40
CA SER B 190 9.62 -2.27 -19.06
C SER B 190 10.40 -1.14 -18.42
N TYR B 191 11.06 -1.43 -17.29
CA TYR B 191 11.83 -0.41 -16.60
C TYR B 191 13.18 -0.27 -17.29
N GLY B 192 13.33 0.78 -18.07
CA GLY B 192 14.57 0.99 -18.80
C GLY B 192 15.88 1.19 -18.07
N PHE B 193 15.87 1.71 -16.85
CA PHE B 193 17.12 1.94 -16.13
C PHE B 193 17.81 0.71 -15.54
N GLN B 194 17.20 -0.45 -15.74
CA GLN B 194 17.75 -1.70 -15.22
C GLN B 194 18.69 -2.31 -16.26
N TYR B 195 18.69 -1.72 -17.44
CA TYR B 195 19.48 -2.22 -18.57
C TYR B 195 20.73 -1.44 -18.94
N SER B 196 21.71 -2.18 -19.45
CA SER B 196 22.96 -1.60 -19.93
C SER B 196 22.59 -1.39 -21.39
N PRO B 197 23.37 -0.59 -22.12
CA PRO B 197 23.02 -0.37 -23.52
C PRO B 197 22.68 -1.69 -24.23
N LYS B 198 23.55 -2.67 -24.09
CA LYS B 198 23.37 -3.98 -24.71
C LYS B 198 22.06 -4.66 -24.31
N GLN B 199 21.75 -4.60 -23.01
CA GLN B 199 20.52 -5.22 -22.52
C GLN B 199 19.30 -4.46 -23.03
N ARG B 200 19.46 -3.15 -23.19
CA ARG B 200 18.37 -2.34 -23.71
C ARG B 200 18.14 -2.78 -25.14
N VAL B 201 19.23 -2.86 -25.90
CA VAL B 201 19.16 -3.29 -27.29
C VAL B 201 18.46 -4.64 -27.34
N GLU B 202 18.98 -5.58 -26.55
CA GLU B 202 18.45 -6.93 -26.48
C GLU B 202 16.94 -6.95 -26.22
N PHE B 203 16.50 -6.22 -25.19
CA PHE B 203 15.08 -6.18 -24.85
C PHE B 203 14.26 -5.60 -25.99
N LEU B 204 14.82 -4.61 -26.67
CA LEU B 204 14.12 -3.97 -27.78
C LEU B 204 13.94 -4.98 -28.91
N VAL B 205 15.03 -5.60 -29.32
CA VAL B 205 14.99 -6.60 -30.38
C VAL B 205 14.00 -7.72 -30.06
N ASN B 206 14.14 -8.32 -28.89
CA ASN B 206 13.27 -9.42 -28.50
C ASN B 206 11.80 -9.01 -28.45
N THR B 207 11.53 -7.78 -28.02
CA THR B 207 10.15 -7.32 -27.95
C THR B 207 9.61 -7.20 -29.37
N TRP B 208 10.47 -6.78 -30.28
CA TRP B 208 10.09 -6.62 -31.67
C TRP B 208 9.82 -7.97 -32.30
N LYS B 209 10.77 -8.88 -32.17
CA LYS B 209 10.64 -10.23 -32.72
C LYS B 209 9.37 -10.94 -32.26
N SER B 210 9.07 -10.83 -30.98
CA SER B 210 7.90 -11.49 -30.40
C SER B 210 6.55 -10.99 -30.91
N LYS B 211 6.56 -10.23 -31.99
CA LYS B 211 5.30 -9.73 -32.56
C LYS B 211 5.11 -10.30 -33.95
N LYS B 212 3.87 -10.67 -34.29
CA LYS B 212 3.57 -11.20 -35.61
C LYS B 212 4.07 -10.12 -36.57
N CYS B 213 3.33 -9.01 -36.62
CA CYS B 213 3.67 -7.87 -37.44
C CYS B 213 3.92 -6.68 -36.50
N PRO B 214 5.18 -6.53 -36.03
CA PRO B 214 5.62 -5.48 -35.12
C PRO B 214 5.50 -4.04 -35.61
N MET B 215 5.02 -3.18 -34.70
CA MET B 215 4.86 -1.75 -34.95
C MET B 215 5.33 -1.04 -33.68
N GLY B 216 6.16 -0.01 -33.83
CA GLY B 216 6.64 0.69 -32.67
C GLY B 216 6.72 2.20 -32.83
N PHE B 217 6.70 2.92 -31.72
CA PHE B 217 6.79 4.37 -31.76
C PHE B 217 7.31 4.94 -30.46
N SER B 218 7.92 6.11 -30.57
CA SER B 218 8.44 6.82 -29.42
C SER B 218 7.41 7.89 -29.13
N TYR B 219 7.30 8.31 -27.87
CA TYR B 219 6.33 9.34 -27.52
C TYR B 219 7.03 10.37 -26.66
N ASP B 220 6.98 11.62 -27.09
CA ASP B 220 7.62 12.68 -26.34
C ASP B 220 6.58 13.64 -25.78
N THR B 221 6.67 13.87 -24.48
CA THR B 221 5.75 14.76 -23.80
C THR B 221 6.33 16.17 -23.78
N ARG B 222 5.48 17.17 -23.96
CA ARG B 222 5.94 18.55 -23.95
C ARG B 222 6.23 18.98 -22.52
N CYS B 223 7.50 18.97 -22.13
CA CYS B 223 7.91 19.35 -20.79
C CYS B 223 7.16 18.53 -19.74
N PHE B 224 7.40 17.22 -19.77
CA PHE B 224 6.78 16.28 -18.86
C PHE B 224 6.67 16.83 -17.44
N ASP B 225 7.82 17.25 -16.90
CA ASP B 225 7.89 17.80 -15.55
C ASP B 225 6.74 18.73 -15.19
N SER B 226 6.48 19.72 -16.04
CA SER B 226 5.42 20.66 -15.75
C SER B 226 4.02 20.08 -15.93
N THR B 227 3.91 18.99 -16.67
CA THR B 227 2.61 18.38 -16.88
C THR B 227 2.23 17.46 -15.73
N VAL B 228 3.16 17.23 -14.81
CA VAL B 228 2.90 16.39 -13.65
C VAL B 228 2.02 17.15 -12.67
N THR B 229 0.89 16.56 -12.30
CA THR B 229 -0.07 17.19 -11.38
C THR B 229 0.03 16.74 -9.93
N GLU B 230 -0.62 17.50 -9.05
CA GLU B 230 -0.62 17.20 -7.63
C GLU B 230 -1.21 15.79 -7.46
N SER B 231 -2.21 15.49 -8.27
CA SER B 231 -2.86 14.19 -8.25
C SER B 231 -1.82 13.13 -8.62
N ASP B 232 -1.06 13.37 -9.68
CA ASP B 232 -0.03 12.43 -10.10
C ASP B 232 0.96 12.18 -8.98
N ILE B 233 1.36 13.24 -8.30
CA ILE B 233 2.31 13.12 -7.22
C ILE B 233 1.74 12.34 -6.03
N ARG B 234 0.45 12.51 -5.77
CA ARG B 234 -0.19 11.77 -4.69
C ARG B 234 -0.44 10.32 -5.10
N VAL B 235 -0.63 10.09 -6.39
CA VAL B 235 -0.84 8.72 -6.86
C VAL B 235 0.49 7.99 -6.72
N GLU B 236 1.55 8.74 -7.00
CA GLU B 236 2.89 8.21 -6.91
C GLU B 236 3.18 7.83 -5.44
N GLU B 237 2.83 8.71 -4.51
CA GLU B 237 3.03 8.41 -3.10
C GLU B 237 2.20 7.21 -2.72
N SER B 238 0.99 7.12 -3.28
CA SER B 238 0.10 6.01 -2.99
C SER B 238 0.81 4.72 -3.37
N ILE B 239 1.59 4.75 -4.46
CA ILE B 239 2.33 3.57 -4.88
C ILE B 239 3.47 3.28 -3.88
N TYR B 240 4.19 4.33 -3.48
CA TYR B 240 5.28 4.14 -2.52
C TYR B 240 4.76 3.57 -1.20
N GLN B 241 3.59 4.06 -0.77
CA GLN B 241 3.00 3.62 0.49
C GLN B 241 2.60 2.15 0.53
N CYS B 242 2.75 1.44 -0.57
CA CYS B 242 2.40 0.02 -0.59
C CYS B 242 3.57 -0.83 -0.10
N CYS B 243 4.73 -0.20 0.04
CA CYS B 243 5.93 -0.87 0.51
C CYS B 243 5.86 -1.03 2.02
N ASP B 244 6.53 -2.06 2.53
CA ASP B 244 6.60 -2.25 3.96
C ASP B 244 7.67 -1.22 4.31
N LEU B 245 7.36 -0.34 5.26
CA LEU B 245 8.28 0.73 5.62
C LEU B 245 8.35 0.92 7.13
N ALA B 246 9.42 1.57 7.57
CA ALA B 246 9.58 1.89 8.97
C ALA B 246 8.60 3.01 9.21
N PRO B 247 8.02 3.09 10.40
CA PRO B 247 7.05 4.15 10.73
C PRO B 247 7.50 5.54 10.27
N GLU B 248 8.69 5.97 10.71
CA GLU B 248 9.20 7.29 10.35
C GLU B 248 9.45 7.42 8.86
N ALA B 249 9.77 6.31 8.21
CA ALA B 249 9.99 6.37 6.78
C ALA B 249 8.63 6.66 6.13
N ARG B 250 7.60 6.03 6.69
CA ARG B 250 6.24 6.20 6.17
C ARG B 250 5.82 7.65 6.33
N GLN B 251 6.12 8.23 7.50
CA GLN B 251 5.78 9.63 7.77
C GLN B 251 6.63 10.60 6.96
N ALA B 252 7.95 10.37 6.94
CA ALA B 252 8.85 11.24 6.19
C ALA B 252 8.35 11.31 4.77
N ILE B 253 7.91 10.17 4.23
CA ILE B 253 7.40 10.11 2.86
C ILE B 253 6.08 10.89 2.72
N ARG B 254 5.23 10.79 3.74
CA ARG B 254 3.95 11.50 3.75
C ARG B 254 4.21 13.02 3.72
N SER B 255 5.12 13.48 4.56
CA SER B 255 5.46 14.91 4.66
C SER B 255 6.22 15.44 3.45
N LEU B 256 7.18 14.67 2.98
CA LEU B 256 7.93 15.11 1.82
C LEU B 256 6.98 15.27 0.65
N THR B 257 5.93 14.43 0.60
CA THR B 257 4.98 14.54 -0.49
C THR B 257 4.23 15.87 -0.39
N GLU B 258 3.62 16.12 0.76
CA GLU B 258 2.84 17.34 0.93
C GLU B 258 3.61 18.64 1.03
N ARG B 259 4.85 18.61 1.49
CA ARG B 259 5.63 19.83 1.68
C ARG B 259 6.65 20.13 0.58
N LEU B 260 7.01 19.12 -0.19
CA LEU B 260 8.02 19.31 -1.22
C LEU B 260 7.62 18.86 -2.61
N TYR B 261 7.30 17.59 -2.73
CA TYR B 261 6.95 17.02 -4.03
C TYR B 261 5.79 17.66 -4.80
N ILE B 262 4.60 17.75 -4.21
CA ILE B 262 3.47 18.34 -4.93
C ILE B 262 3.71 19.81 -5.33
N GLY B 263 4.66 20.47 -4.68
CA GLY B 263 4.93 21.86 -5.00
C GLY B 263 5.53 22.65 -3.85
N GLY B 264 5.66 23.97 -4.03
CA GLY B 264 6.23 24.83 -3.02
C GLY B 264 6.73 26.15 -3.58
N PRO B 265 7.21 27.06 -2.71
CA PRO B 265 7.74 28.36 -3.13
C PRO B 265 9.11 28.26 -3.79
N LEU B 266 9.34 29.06 -4.83
CA LEU B 266 10.60 29.07 -5.57
C LEU B 266 11.48 30.26 -5.16
N THR B 267 12.75 30.01 -4.85
CA THR B 267 13.68 31.07 -4.44
C THR B 267 14.92 31.11 -5.34
N ASN B 268 15.32 32.30 -5.75
CA ASN B 268 16.50 32.42 -6.60
C ASN B 268 17.76 32.47 -5.75
N SER B 269 18.91 32.38 -6.39
CA SER B 269 20.19 32.42 -5.71
C SER B 269 20.39 33.70 -4.92
N LYS B 270 19.74 34.77 -5.33
CA LYS B 270 19.85 36.05 -4.66
C LYS B 270 18.95 36.13 -3.41
N GLY B 271 18.27 35.02 -3.10
CA GLY B 271 17.41 34.98 -1.93
C GLY B 271 16.01 35.57 -2.08
N GLN B 272 15.62 35.88 -3.31
CA GLN B 272 14.31 36.45 -3.55
C GLN B 272 13.30 35.36 -3.91
N ASN B 273 12.02 35.67 -3.75
CA ASN B 273 10.95 34.72 -4.07
C ASN B 273 10.51 34.90 -5.51
N CYS B 274 10.77 33.90 -6.34
CA CYS B 274 10.39 33.95 -7.74
C CYS B 274 8.96 33.54 -7.98
N GLY B 275 8.42 32.74 -7.08
CA GLY B 275 7.05 32.30 -7.27
C GLY B 275 6.75 31.00 -6.58
N TYR B 276 5.85 30.23 -7.18
CA TYR B 276 5.43 28.96 -6.60
C TYR B 276 5.36 27.88 -7.66
N ARG B 277 5.71 26.66 -7.27
CA ARG B 277 5.69 25.49 -8.15
C ARG B 277 4.51 24.57 -7.79
N ARG B 278 3.85 24.00 -8.80
CA ARG B 278 2.74 23.08 -8.57
C ARG B 278 2.90 21.86 -9.45
N CYS B 279 4.13 21.62 -9.89
CA CYS B 279 4.42 20.46 -10.72
C CYS B 279 5.72 19.82 -10.23
N ARG B 280 6.18 18.80 -10.93
CA ARG B 280 7.41 18.09 -10.58
C ARG B 280 8.65 18.97 -10.44
N ALA B 281 9.40 18.77 -9.35
CA ALA B 281 10.65 19.50 -9.15
C ALA B 281 11.66 18.63 -9.90
N SER B 282 12.69 19.25 -10.46
CA SER B 282 13.66 18.44 -11.18
C SER B 282 14.76 17.90 -10.27
N GLY B 283 15.07 18.63 -9.20
CA GLY B 283 16.15 18.22 -8.32
C GLY B 283 15.79 17.59 -6.99
N VAL B 284 14.93 16.57 -7.05
CA VAL B 284 14.54 15.84 -5.86
C VAL B 284 14.85 14.38 -6.14
N LEU B 285 14.93 13.60 -5.07
CA LEU B 285 15.26 12.20 -5.18
C LEU B 285 14.25 11.35 -5.92
N THR B 286 12.97 11.74 -5.87
CA THR B 286 11.93 10.96 -6.50
C THR B 286 11.59 11.27 -7.94
N THR B 287 12.26 12.25 -8.54
CA THR B 287 11.95 12.64 -9.93
C THR B 287 12.08 11.54 -10.98
N SER B 288 13.20 10.83 -11.01
CA SER B 288 13.37 9.77 -12.00
C SER B 288 12.36 8.64 -11.79
N CYS B 289 12.26 8.17 -10.54
CA CYS B 289 11.33 7.11 -10.20
C CYS B 289 9.88 7.55 -10.43
N GLY B 290 9.58 8.78 -10.02
CA GLY B 290 8.26 9.34 -10.16
C GLY B 290 7.84 9.55 -11.60
N ASN B 291 8.75 10.09 -12.41
CA ASN B 291 8.44 10.31 -13.81
C ASN B 291 8.22 9.01 -14.55
N THR B 292 9.09 8.03 -14.28
CA THR B 292 8.97 6.73 -14.93
C THR B 292 7.63 6.15 -14.58
N LEU B 293 7.34 6.08 -13.28
CA LEU B 293 6.07 5.53 -12.82
C LEU B 293 4.91 6.24 -13.49
N THR B 294 4.87 7.55 -13.37
CA THR B 294 3.78 8.34 -13.93
C THR B 294 3.66 8.15 -15.43
N CYS B 295 4.80 8.12 -16.13
CA CYS B 295 4.77 7.95 -17.58
C CYS B 295 4.21 6.59 -17.93
N TYR B 296 4.79 5.55 -17.34
CA TYR B 296 4.36 4.18 -17.57
C TYR B 296 2.88 4.01 -17.26
N LEU B 297 2.45 4.62 -16.17
CA LEU B 297 1.05 4.54 -15.77
C LEU B 297 0.13 5.18 -16.82
N LYS B 298 0.43 6.42 -17.19
CA LYS B 298 -0.39 7.12 -18.16
C LYS B 298 -0.35 6.44 -19.53
N ALA B 299 0.82 5.97 -19.92
CA ALA B 299 0.98 5.31 -21.21
C ALA B 299 0.19 4.00 -21.21
N THR B 300 0.64 3.04 -20.41
CA THR B 300 -0.03 1.74 -20.34
C THR B 300 -1.55 1.86 -20.36
N ALA B 301 -2.07 2.90 -19.71
CA ALA B 301 -3.50 3.14 -19.65
C ALA B 301 -3.98 3.70 -20.98
N ALA B 302 -3.19 4.57 -21.59
CA ALA B 302 -3.55 5.16 -22.86
C ALA B 302 -3.75 4.10 -23.94
N CYS B 303 -2.86 3.10 -23.95
CA CYS B 303 -2.95 2.02 -24.93
C CYS B 303 -4.30 1.32 -24.93
N ARG B 304 -4.86 1.14 -23.74
CA ARG B 304 -6.14 0.47 -23.62
C ARG B 304 -7.26 1.32 -24.18
N ALA B 305 -7.20 2.62 -23.93
CA ALA B 305 -8.23 3.51 -24.44
C ALA B 305 -8.12 3.61 -25.96
N ALA B 306 -6.89 3.70 -26.46
CA ALA B 306 -6.65 3.80 -27.91
C ALA B 306 -6.85 2.46 -28.59
N LYS B 307 -7.04 1.43 -27.78
CA LYS B 307 -7.24 0.07 -28.28
C LYS B 307 -6.08 -0.50 -29.08
N LEU B 308 -4.86 -0.12 -28.72
CA LEU B 308 -3.68 -0.66 -29.38
C LEU B 308 -3.62 -2.13 -28.99
N GLN B 309 -2.88 -2.94 -29.73
CA GLN B 309 -2.79 -4.37 -29.43
C GLN B 309 -1.46 -4.82 -28.87
N ASP B 310 -1.53 -5.59 -27.79
CA ASP B 310 -0.35 -6.14 -27.13
C ASP B 310 0.82 -5.14 -27.08
N CYS B 311 0.69 -4.13 -26.22
CA CYS B 311 1.71 -3.11 -26.08
C CYS B 311 2.82 -3.47 -25.11
N THR B 312 4.04 -3.06 -25.44
CA THR B 312 5.18 -3.34 -24.60
C THR B 312 5.97 -2.05 -24.42
N MET B 313 5.91 -1.48 -23.22
CA MET B 313 6.59 -0.24 -22.89
C MET B 313 8.05 -0.42 -22.55
N LEU B 314 8.79 0.66 -22.67
CA LEU B 314 10.19 0.72 -22.33
C LEU B 314 10.25 2.16 -21.85
N VAL B 315 10.31 2.36 -20.54
CA VAL B 315 10.31 3.69 -19.96
C VAL B 315 11.55 4.08 -19.17
N ASN B 316 11.96 5.34 -19.36
CA ASN B 316 13.11 5.91 -18.68
C ASN B 316 12.69 7.33 -18.33
N GLY B 317 12.15 7.51 -17.13
CA GLY B 317 11.70 8.83 -16.73
C GLY B 317 10.60 9.27 -17.67
N ASP B 318 10.75 10.45 -18.25
CA ASP B 318 9.76 10.99 -19.17
C ASP B 318 9.91 10.46 -20.59
N ASP B 319 10.92 9.59 -20.79
CA ASP B 319 11.19 9.01 -22.10
C ASP B 319 10.40 7.72 -22.28
N LEU B 320 9.60 7.67 -23.35
CA LEU B 320 8.77 6.50 -23.60
C LEU B 320 8.80 5.94 -25.01
N VAL B 321 8.85 4.63 -25.13
CA VAL B 321 8.83 3.95 -26.43
C VAL B 321 7.83 2.81 -26.35
N VAL B 322 6.97 2.70 -27.35
CA VAL B 322 5.96 1.65 -27.37
C VAL B 322 6.09 0.75 -28.60
N ILE B 323 6.21 -0.55 -28.37
CA ILE B 323 6.32 -1.53 -29.45
C ILE B 323 5.15 -2.51 -29.32
N CYS B 324 4.33 -2.59 -30.35
CA CYS B 324 3.18 -3.48 -30.28
C CYS B 324 2.83 -4.18 -31.59
N GLU B 325 1.67 -4.84 -31.57
CA GLU B 325 1.16 -5.55 -32.73
C GLU B 325 0.58 -4.53 -33.72
N SER B 326 0.65 -4.83 -35.00
CA SER B 326 0.13 -3.92 -36.01
C SER B 326 -1.26 -4.32 -36.47
N ALA B 327 -2.01 -3.36 -37.01
CA ALA B 327 -3.36 -3.62 -37.49
C ALA B 327 -3.58 -2.93 -38.83
N GLY B 328 -2.50 -2.65 -39.55
CA GLY B 328 -2.64 -1.97 -40.82
C GLY B 328 -2.28 -0.52 -40.68
N THR B 329 -1.67 0.05 -41.72
CA THR B 329 -1.26 1.45 -41.68
C THR B 329 -2.43 2.38 -41.41
N GLN B 330 -3.59 2.06 -41.97
CA GLN B 330 -4.78 2.88 -41.76
C GLN B 330 -5.22 2.95 -40.30
N GLU B 331 -5.11 1.82 -39.61
CA GLU B 331 -5.48 1.74 -38.19
C GLU B 331 -4.34 2.19 -37.28
N ASP B 332 -3.14 1.66 -37.52
CA ASP B 332 -1.98 2.01 -36.72
C ASP B 332 -1.88 3.51 -36.48
N ALA B 333 -2.19 4.30 -37.51
CA ALA B 333 -2.13 5.75 -37.41
C ALA B 333 -3.34 6.33 -36.71
N ALA B 334 -4.50 5.71 -36.91
CA ALA B 334 -5.73 6.17 -36.28
C ALA B 334 -5.72 5.85 -34.79
N ALA B 335 -5.09 4.73 -34.44
CA ALA B 335 -5.01 4.33 -33.04
C ALA B 335 -3.96 5.15 -32.32
N LEU B 336 -2.88 5.49 -33.02
CA LEU B 336 -1.83 6.29 -32.40
C LEU B 336 -2.40 7.66 -32.03
N ARG B 337 -3.18 8.24 -32.94
CA ARG B 337 -3.78 9.54 -32.67
C ARG B 337 -4.70 9.41 -31.45
N ALA B 338 -5.30 8.23 -31.30
CA ALA B 338 -6.20 7.95 -30.18
C ALA B 338 -5.37 7.87 -28.90
N PHE B 339 -4.18 7.31 -29.03
CA PHE B 339 -3.26 7.17 -27.91
C PHE B 339 -2.97 8.57 -27.38
N THR B 340 -2.48 9.43 -28.26
CA THR B 340 -2.16 10.81 -27.91
C THR B 340 -3.33 11.56 -27.26
N GLU B 341 -4.54 11.33 -27.73
CA GLU B 341 -5.71 11.99 -27.16
C GLU B 341 -5.93 11.53 -25.73
N ALA B 342 -5.60 10.28 -25.45
CA ALA B 342 -5.73 9.72 -24.11
C ALA B 342 -4.69 10.37 -23.20
N MET B 343 -3.43 10.32 -23.61
CA MET B 343 -2.34 10.92 -22.84
C MET B 343 -2.60 12.39 -22.57
N THR B 344 -3.21 13.08 -23.51
CA THR B 344 -3.50 14.50 -23.32
C THR B 344 -4.58 14.66 -22.26
N ARG B 345 -5.51 13.71 -22.22
CA ARG B 345 -6.56 13.74 -21.21
C ARG B 345 -5.90 13.49 -19.85
N TYR B 346 -4.83 12.71 -19.86
CA TYR B 346 -4.09 12.37 -18.64
C TYR B 346 -3.07 13.46 -18.28
N SER B 347 -3.21 14.62 -18.90
CA SER B 347 -2.30 15.72 -18.66
C SER B 347 -0.90 15.29 -19.04
N ALA B 348 -0.75 14.94 -20.32
CA ALA B 348 0.53 14.50 -20.88
C ALA B 348 0.51 14.70 -22.39
N PRO B 349 0.29 15.95 -22.84
CA PRO B 349 0.26 16.27 -24.28
C PRO B 349 1.65 16.09 -24.91
N PRO B 350 1.69 15.75 -26.20
CA PRO B 350 2.93 15.54 -26.96
C PRO B 350 3.65 16.82 -27.39
N GLY B 351 4.96 16.74 -27.49
CA GLY B 351 5.75 17.86 -27.93
C GLY B 351 5.68 17.83 -29.45
N ASP B 352 6.07 16.69 -30.01
CA ASP B 352 6.02 16.47 -31.45
C ASP B 352 5.08 15.29 -31.60
N PRO B 353 4.09 15.40 -32.51
CA PRO B 353 3.18 14.26 -32.64
C PRO B 353 3.93 12.97 -32.95
N PRO B 354 3.46 11.86 -32.39
CA PRO B 354 4.07 10.55 -32.57
C PRO B 354 3.73 9.97 -33.94
N GLN B 355 4.69 9.23 -34.51
CA GLN B 355 4.49 8.62 -35.81
C GLN B 355 4.82 7.13 -35.72
N PRO B 356 3.94 6.28 -36.26
CA PRO B 356 4.14 4.84 -36.24
C PRO B 356 5.36 4.40 -37.05
N GLU B 357 6.05 3.37 -36.57
CA GLU B 357 7.23 2.85 -37.24
C GLU B 357 7.10 1.37 -37.49
N TYR B 358 7.82 0.89 -38.50
CA TYR B 358 7.78 -0.53 -38.85
C TYR B 358 9.20 -1.07 -39.06
N ASP B 359 10.19 -0.23 -38.76
CA ASP B 359 11.60 -0.60 -38.86
C ASP B 359 12.24 -0.28 -37.51
N LEU B 360 12.35 -1.30 -36.66
CA LEU B 360 12.93 -1.15 -35.32
C LEU B 360 14.16 -0.24 -35.22
N GLU B 361 14.94 -0.17 -36.28
CA GLU B 361 16.15 0.64 -36.28
C GLU B 361 15.90 2.15 -36.34
N LEU B 362 14.76 2.57 -36.89
CA LEU B 362 14.44 4.00 -37.01
C LEU B 362 13.76 4.64 -35.80
N ILE B 363 13.47 3.85 -34.77
CA ILE B 363 12.84 4.38 -33.57
C ILE B 363 13.90 5.00 -32.66
N THR B 364 13.62 6.17 -32.09
CA THR B 364 14.56 6.85 -31.21
C THR B 364 14.09 7.02 -29.76
N SER B 365 14.78 6.36 -28.85
CA SER B 365 14.47 6.42 -27.42
C SER B 365 15.71 6.80 -26.63
N CYS B 366 15.51 7.61 -25.59
CA CYS B 366 16.63 8.05 -24.76
C CYS B 366 17.65 8.75 -25.66
N SER B 367 17.15 9.48 -26.65
CA SER B 367 18.02 10.19 -27.58
C SER B 367 18.90 9.20 -28.33
N SER B 368 18.48 7.94 -28.38
CA SER B 368 19.24 6.88 -29.03
C SER B 368 18.40 5.99 -29.93
N ASN B 369 19.03 4.95 -30.46
CA ASN B 369 18.35 4.00 -31.34
C ASN B 369 19.15 2.72 -31.57
N VAL B 370 18.44 1.67 -31.94
CA VAL B 370 19.08 0.39 -32.20
C VAL B 370 19.57 0.35 -33.65
N SER B 371 20.69 -0.32 -33.86
CA SER B 371 21.28 -0.45 -35.20
C SER B 371 21.96 -1.81 -35.30
N VAL B 372 22.43 -2.17 -36.49
CA VAL B 372 23.09 -3.45 -36.68
C VAL B 372 24.39 -3.37 -37.46
N ALA B 373 25.48 -3.81 -36.82
CA ALA B 373 26.80 -3.82 -37.44
C ALA B 373 27.26 -5.28 -37.53
N HIS B 374 28.51 -5.50 -37.91
CA HIS B 374 29.04 -6.87 -38.02
C HIS B 374 30.37 -6.98 -37.26
N ASP B 375 30.72 -8.20 -36.86
CA ASP B 375 31.95 -8.41 -36.11
C ASP B 375 33.03 -9.20 -36.87
N ALA B 376 34.04 -9.64 -36.13
CA ALA B 376 35.15 -10.40 -36.69
C ALA B 376 34.65 -11.59 -37.49
N SER B 377 33.86 -12.44 -36.84
CA SER B 377 33.30 -13.62 -37.51
C SER B 377 32.20 -13.23 -38.50
N GLY B 378 32.06 -11.93 -38.74
CA GLY B 378 31.06 -11.45 -39.67
C GLY B 378 29.61 -11.61 -39.23
N LYS B 379 29.41 -11.89 -37.93
CA LYS B 379 28.05 -12.06 -37.39
C LYS B 379 27.38 -10.69 -37.23
N ARG B 380 26.05 -10.67 -37.33
CA ARG B 380 25.30 -9.43 -37.18
C ARG B 380 25.19 -9.03 -35.72
N VAL B 381 26.05 -8.10 -35.30
CA VAL B 381 26.08 -7.63 -33.92
C VAL B 381 25.28 -6.34 -33.70
N TYR B 382 24.22 -6.45 -32.88
CA TYR B 382 23.36 -5.31 -32.56
C TYR B 382 23.99 -4.45 -31.48
N TYR B 383 23.76 -3.14 -31.57
CA TYR B 383 24.29 -2.20 -30.59
C TYR B 383 23.38 -0.98 -30.52
N LEU B 384 23.61 -0.15 -29.50
CA LEU B 384 22.82 1.06 -29.30
C LEU B 384 23.63 2.29 -29.68
N THR B 385 23.13 3.04 -30.65
CA THR B 385 23.81 4.24 -31.10
C THR B 385 22.91 5.47 -30.97
N ARG B 386 23.38 6.59 -31.51
CA ARG B 386 22.63 7.85 -31.47
C ARG B 386 23.28 8.91 -32.37
N ASP B 387 22.68 10.10 -32.41
CA ASP B 387 23.21 11.19 -33.22
C ASP B 387 24.39 11.79 -32.45
N PRO B 388 25.61 11.56 -32.93
CA PRO B 388 26.84 12.06 -32.30
C PRO B 388 27.03 13.57 -32.14
N THR B 389 26.08 14.36 -32.63
CA THR B 389 26.23 15.83 -32.52
C THR B 389 26.47 16.34 -31.10
N THR B 390 25.48 16.23 -30.23
CA THR B 390 25.59 16.71 -28.85
C THR B 390 26.81 16.12 -28.13
N PRO B 391 26.99 14.79 -28.19
CA PRO B 391 28.13 14.17 -27.53
C PRO B 391 29.45 14.82 -27.97
N LEU B 392 29.57 15.09 -29.27
CA LEU B 392 30.76 15.74 -29.82
C LEU B 392 30.88 17.19 -29.39
N ALA B 393 29.81 17.95 -29.59
CA ALA B 393 29.79 19.36 -29.21
C ALA B 393 30.12 19.47 -27.73
N ARG B 394 29.57 18.55 -26.92
CA ARG B 394 29.82 18.54 -25.48
C ARG B 394 31.30 18.25 -25.29
N ALA B 395 31.80 17.27 -26.06
CA ALA B 395 33.20 16.88 -26.01
C ALA B 395 34.08 18.09 -26.23
N ALA B 396 33.77 18.86 -27.28
CA ALA B 396 34.51 20.06 -27.60
C ALA B 396 34.65 20.97 -26.38
N TRP B 397 33.51 21.39 -25.86
CA TRP B 397 33.43 22.27 -24.70
C TRP B 397 34.25 21.78 -23.50
N GLU B 398 34.28 20.47 -23.29
CA GLU B 398 35.02 19.90 -22.16
C GLU B 398 36.52 19.89 -22.43
N THR B 399 36.90 19.91 -23.70
CA THR B 399 38.31 19.93 -24.08
C THR B 399 38.87 21.32 -23.79
N ALA B 400 38.07 22.34 -24.11
CA ALA B 400 38.45 23.73 -23.90
C ALA B 400 38.35 24.13 -22.43
N ARG B 401 37.14 24.41 -21.97
CA ARG B 401 36.91 24.81 -20.59
C ARG B 401 36.90 23.61 -19.65
N HIS B 402 37.23 23.87 -18.38
CA HIS B 402 37.27 22.82 -17.37
C HIS B 402 35.88 22.53 -16.81
N THR B 403 35.52 21.25 -16.79
CA THR B 403 34.20 20.85 -16.29
C THR B 403 34.30 19.71 -15.28
N PRO B 404 33.66 19.88 -14.12
CA PRO B 404 33.66 18.88 -13.04
C PRO B 404 33.12 17.52 -13.49
N ILE B 405 32.32 17.51 -14.55
CA ILE B 405 31.75 16.27 -15.06
C ILE B 405 32.02 16.07 -16.54
N ASN B 406 32.71 14.96 -16.85
CA ASN B 406 33.09 14.63 -18.22
C ASN B 406 32.11 13.71 -18.91
N SER B 407 31.27 14.28 -19.76
CA SER B 407 30.28 13.52 -20.50
C SER B 407 30.93 12.62 -21.57
N TRP B 408 32.13 13.01 -22.00
CA TRP B 408 32.81 12.22 -23.01
C TRP B 408 33.16 10.82 -22.52
N LEU B 409 33.56 10.72 -21.26
CA LEU B 409 33.90 9.43 -20.67
C LEU B 409 32.62 8.61 -20.56
N GLY B 410 31.58 9.22 -20.04
CA GLY B 410 30.31 8.53 -19.92
C GLY B 410 29.81 8.09 -21.28
N ASN B 411 30.11 8.90 -22.31
CA ASN B 411 29.67 8.58 -23.66
C ASN B 411 30.46 7.44 -24.31
N ILE B 412 31.75 7.34 -23.96
CA ILE B 412 32.60 6.28 -24.50
C ILE B 412 32.09 4.95 -23.95
N ILE B 413 31.80 4.95 -22.66
CA ILE B 413 31.32 3.77 -21.97
C ILE B 413 29.99 3.31 -22.54
N MET B 414 28.99 4.18 -22.50
CA MET B 414 27.67 3.82 -23.02
C MET B 414 27.66 3.45 -24.51
N TYR B 415 28.36 4.23 -25.32
CA TYR B 415 28.39 3.98 -26.77
C TYR B 415 29.75 3.48 -27.23
N ALA B 416 30.32 2.53 -26.50
CA ALA B 416 31.63 1.98 -26.85
C ALA B 416 31.71 1.34 -28.23
N PRO B 417 30.71 0.53 -28.61
CA PRO B 417 30.76 -0.12 -29.93
C PRO B 417 30.33 0.74 -31.13
N THR B 418 29.96 1.99 -30.87
CA THR B 418 29.54 2.87 -31.95
C THR B 418 30.72 3.24 -32.86
N LEU B 419 30.41 3.63 -34.09
CA LEU B 419 31.41 4.01 -35.08
C LEU B 419 31.97 5.41 -34.88
N TRP B 420 31.24 6.25 -34.15
CA TRP B 420 31.67 7.62 -33.90
C TRP B 420 32.36 7.80 -32.56
N ALA B 421 32.07 6.92 -31.61
CA ALA B 421 32.67 7.01 -30.29
C ALA B 421 34.05 6.38 -30.34
N ARG B 422 34.18 5.35 -31.17
CA ARG B 422 35.46 4.64 -31.33
C ARG B 422 36.44 5.48 -32.14
N MET B 423 36.08 5.78 -33.37
CA MET B 423 36.91 6.54 -34.28
C MET B 423 37.28 7.96 -33.82
N ILE B 424 36.32 8.68 -33.24
CA ILE B 424 36.56 10.06 -32.82
C ILE B 424 36.86 10.30 -31.33
N LEU B 425 35.88 9.99 -30.48
CA LEU B 425 36.02 10.20 -29.05
C LEU B 425 37.20 9.51 -28.37
N MET B 426 37.26 8.20 -28.45
CA MET B 426 38.36 7.46 -27.84
C MET B 426 39.71 8.04 -28.26
N THR B 427 39.91 8.17 -29.57
CA THR B 427 41.13 8.72 -30.14
C THR B 427 41.46 10.13 -29.63
N HIS B 428 40.53 11.05 -29.83
CA HIS B 428 40.71 12.44 -29.40
C HIS B 428 41.06 12.66 -27.94
N PHE B 429 40.38 11.93 -27.05
CA PHE B 429 40.62 12.10 -25.63
C PHE B 429 41.82 11.35 -25.04
N PHE B 430 42.10 10.15 -25.52
CA PHE B 430 43.25 9.43 -25.01
C PHE B 430 44.49 10.23 -25.38
N SER B 431 44.43 10.85 -26.56
CA SER B 431 45.52 11.67 -27.06
C SER B 431 45.83 12.78 -26.03
N ILE B 432 44.84 13.60 -25.73
CA ILE B 432 45.02 14.70 -24.77
C ILE B 432 45.52 14.17 -23.43
N LEU B 433 45.06 12.97 -23.07
CA LEU B 433 45.47 12.35 -21.81
C LEU B 433 46.98 12.14 -21.76
N LEU B 434 47.51 11.52 -22.81
CA LEU B 434 48.94 11.26 -22.90
C LEU B 434 49.74 12.56 -22.79
N ALA B 435 49.21 13.61 -23.42
CA ALA B 435 49.86 14.92 -23.41
C ALA B 435 50.17 15.45 -22.01
N GLN B 436 49.13 15.71 -21.23
CA GLN B 436 49.32 16.24 -19.89
C GLN B 436 49.66 15.14 -18.88
N GLU B 437 49.71 13.91 -19.38
CA GLU B 437 50.03 12.76 -18.56
C GLU B 437 49.01 12.59 -17.44
N GLN B 438 47.76 12.38 -17.82
CA GLN B 438 46.69 12.20 -16.84
C GLN B 438 45.87 10.95 -17.14
N LEU B 439 46.50 9.97 -17.77
CA LEU B 439 45.81 8.72 -18.08
C LEU B 439 45.41 8.07 -16.76
N GLU B 440 46.26 8.22 -15.76
CA GLU B 440 46.00 7.64 -14.45
C GLU B 440 45.36 8.64 -13.51
N LYS B 441 44.16 9.10 -13.84
CA LYS B 441 43.46 10.05 -13.00
C LYS B 441 41.99 9.67 -12.93
N ALA B 442 41.40 9.87 -11.75
CA ALA B 442 39.98 9.57 -11.54
C ALA B 442 39.14 10.69 -12.15
N LEU B 443 38.28 10.32 -13.09
CA LEU B 443 37.40 11.28 -13.73
C LEU B 443 35.94 11.03 -13.37
N ASP B 444 35.23 12.08 -13.00
CA ASP B 444 33.82 11.96 -12.63
C ASP B 444 32.89 12.02 -13.84
N CYS B 445 32.12 10.96 -14.05
CA CYS B 445 31.17 10.92 -15.15
C CYS B 445 29.84 10.39 -14.61
N GLN B 446 28.79 10.47 -15.42
CA GLN B 446 27.48 10.00 -14.98
C GLN B 446 26.83 8.94 -15.85
N ILE B 447 26.14 8.02 -15.20
CA ILE B 447 25.42 6.95 -15.87
C ILE B 447 24.02 6.93 -15.26
N TYR B 448 23.04 7.35 -16.07
CA TYR B 448 21.65 7.42 -15.63
C TYR B 448 21.51 8.37 -14.44
N GLY B 449 22.11 9.55 -14.55
CA GLY B 449 22.01 10.53 -13.50
C GLY B 449 22.95 10.38 -12.32
N ALA B 450 23.29 9.14 -11.99
CA ALA B 450 24.20 8.90 -10.87
C ALA B 450 25.64 9.27 -11.23
N CYS B 451 26.37 9.78 -10.25
CA CYS B 451 27.75 10.16 -10.45
C CYS B 451 28.69 8.99 -10.12
N TYR B 452 29.81 8.92 -10.82
CA TYR B 452 30.77 7.85 -10.64
C TYR B 452 32.22 8.33 -10.86
N SER B 453 33.15 7.74 -10.13
CA SER B 453 34.56 8.07 -10.29
C SER B 453 35.11 6.92 -11.12
N ILE B 454 35.66 7.23 -12.29
CA ILE B 454 36.19 6.20 -13.17
C ILE B 454 37.61 6.45 -13.66
N GLU B 455 38.36 5.36 -13.84
CA GLU B 455 39.73 5.43 -14.33
C GLU B 455 39.74 5.10 -15.81
N PRO B 456 40.24 6.04 -16.62
CA PRO B 456 40.33 5.90 -18.08
C PRO B 456 40.89 4.54 -18.52
N LEU B 457 42.08 4.23 -18.02
CA LEU B 457 42.77 2.99 -18.35
C LEU B 457 41.92 1.72 -18.24
N ASP B 458 40.85 1.78 -17.46
CA ASP B 458 40.00 0.61 -17.28
C ASP B 458 38.93 0.44 -18.34
N LEU B 459 38.90 1.35 -19.30
CA LEU B 459 37.89 1.28 -20.36
C LEU B 459 37.78 -0.05 -21.11
N PRO B 460 38.92 -0.71 -21.37
CA PRO B 460 38.85 -1.99 -22.09
C PRO B 460 38.05 -3.03 -21.31
N GLN B 461 38.43 -3.25 -20.05
CA GLN B 461 37.74 -4.23 -19.21
C GLN B 461 36.26 -3.87 -19.13
N ILE B 462 36.01 -2.60 -18.81
CA ILE B 462 34.64 -2.11 -18.69
C ILE B 462 33.81 -2.35 -19.95
N ILE B 463 34.36 -1.99 -21.11
CA ILE B 463 33.66 -2.15 -22.37
C ILE B 463 33.28 -3.58 -22.74
N GLU B 464 34.24 -4.50 -22.68
CA GLU B 464 33.98 -5.90 -23.04
C GLU B 464 32.95 -6.49 -22.07
N ARG B 465 32.90 -5.92 -20.88
CA ARG B 465 31.98 -6.36 -19.84
C ARG B 465 30.54 -6.01 -20.23
N LEU B 466 30.36 -4.76 -20.67
CA LEU B 466 29.06 -4.23 -21.04
C LEU B 466 28.50 -4.59 -22.42
N HIS B 467 29.35 -4.49 -23.45
CA HIS B 467 28.90 -4.76 -24.82
C HIS B 467 29.33 -6.12 -25.38
N GLY B 468 30.44 -6.64 -24.88
CA GLY B 468 30.93 -7.91 -25.35
C GLY B 468 32.30 -7.78 -25.99
N LEU B 469 32.91 -8.92 -26.28
CA LEU B 469 34.24 -8.95 -26.89
C LEU B 469 34.19 -8.21 -28.23
N SER B 470 33.11 -8.45 -28.99
CA SER B 470 32.93 -7.85 -30.31
C SER B 470 32.80 -6.33 -30.31
N ALA B 471 32.95 -5.71 -29.14
CA ALA B 471 32.86 -4.26 -29.05
C ALA B 471 34.09 -3.64 -29.71
N PHE B 472 35.13 -4.45 -29.88
CA PHE B 472 36.38 -3.98 -30.48
C PHE B 472 36.57 -4.49 -31.89
N THR B 473 35.75 -5.45 -32.31
CA THR B 473 35.86 -6.03 -33.66
C THR B 473 34.66 -5.77 -34.56
N LEU B 474 33.96 -4.66 -34.36
CA LEU B 474 32.81 -4.36 -35.20
C LEU B 474 33.23 -3.68 -36.50
N HIS B 475 32.33 -3.73 -37.48
CA HIS B 475 32.57 -3.14 -38.79
C HIS B 475 31.35 -3.40 -39.67
N SER B 476 31.30 -2.73 -40.83
CA SER B 476 30.19 -2.90 -41.76
C SER B 476 28.87 -2.36 -41.20
N TYR B 477 28.91 -1.16 -40.65
CA TYR B 477 27.71 -0.54 -40.11
C TYR B 477 26.76 -0.22 -41.24
N SER B 478 25.46 -0.19 -40.94
CA SER B 478 24.45 0.11 -41.96
C SER B 478 24.71 1.49 -42.55
N PRO B 479 24.23 1.73 -43.77
CA PRO B 479 24.37 2.98 -44.50
C PRO B 479 23.79 4.18 -43.76
N GLY B 480 22.57 4.02 -43.25
CA GLY B 480 21.94 5.10 -42.50
C GLY B 480 22.86 5.56 -41.38
N GLU B 481 23.42 4.60 -40.66
CA GLU B 481 24.33 4.91 -39.56
C GLU B 481 25.58 5.62 -40.07
N ILE B 482 26.13 5.12 -41.17
CA ILE B 482 27.33 5.70 -41.76
C ILE B 482 27.08 7.16 -42.12
N ASN B 483 26.00 7.40 -42.87
CA ASN B 483 25.62 8.73 -43.32
C ASN B 483 25.51 9.72 -42.18
N ARG B 484 24.74 9.39 -41.15
CA ARG B 484 24.54 10.28 -40.02
C ARG B 484 25.87 10.68 -39.36
N VAL B 485 26.74 9.70 -39.13
CA VAL B 485 28.03 9.99 -38.52
C VAL B 485 28.79 11.00 -39.37
N ALA B 486 28.83 10.73 -40.67
CA ALA B 486 29.54 11.58 -41.64
C ALA B 486 28.97 12.99 -41.78
N SER B 487 27.68 13.07 -42.09
CA SER B 487 26.99 14.35 -42.25
C SER B 487 27.27 15.23 -41.04
N CYS B 488 27.38 14.60 -39.87
CA CYS B 488 27.65 15.30 -38.62
C CYS B 488 29.04 15.90 -38.63
N LEU B 489 30.00 15.18 -39.19
CA LEU B 489 31.37 15.68 -39.24
C LEU B 489 31.42 17.03 -39.97
N ARG B 490 30.63 17.14 -41.03
CA ARG B 490 30.58 18.39 -41.80
C ARG B 490 29.97 19.49 -40.92
N LYS B 491 28.70 19.30 -40.56
CA LYS B 491 27.97 20.25 -39.73
C LYS B 491 28.85 20.92 -38.66
N LEU B 492 29.63 20.13 -37.95
CA LEU B 492 30.51 20.65 -36.89
C LEU B 492 31.84 21.18 -37.43
N GLY B 493 32.59 20.30 -38.05
CA GLY B 493 33.90 20.65 -38.57
C GLY B 493 34.85 19.60 -38.03
N VAL B 494 34.41 18.35 -38.09
CA VAL B 494 35.19 17.22 -37.60
C VAL B 494 35.97 16.55 -38.71
N PRO B 495 37.29 16.38 -38.50
CA PRO B 495 38.16 15.74 -39.49
C PRO B 495 37.58 14.41 -39.97
N PRO B 496 38.01 13.95 -41.15
CA PRO B 496 37.56 12.69 -41.76
C PRO B 496 38.12 11.47 -41.04
N LEU B 497 37.54 10.30 -41.33
CA LEU B 497 37.99 9.07 -40.70
C LEU B 497 39.49 8.87 -40.94
N ARG B 498 39.94 9.31 -42.11
CA ARG B 498 41.35 9.19 -42.50
C ARG B 498 42.24 9.98 -41.54
N THR B 499 41.71 11.06 -40.99
CA THR B 499 42.47 11.90 -40.06
C THR B 499 42.63 11.16 -38.74
N TRP B 500 41.54 10.60 -38.25
CA TRP B 500 41.55 9.87 -36.99
C TRP B 500 42.31 8.56 -37.13
N ARG B 501 42.39 8.05 -38.36
CA ARG B 501 43.11 6.82 -38.65
C ARG B 501 44.58 7.09 -38.29
N HIS B 502 44.97 8.33 -38.48
CA HIS B 502 46.33 8.76 -38.18
C HIS B 502 46.49 8.84 -36.67
N ARG B 503 45.84 9.82 -36.04
CA ARG B 503 45.94 9.98 -34.59
C ARG B 503 45.71 8.70 -33.83
N ALA B 504 45.02 7.74 -34.45
CA ALA B 504 44.74 6.46 -33.82
C ALA B 504 46.04 5.68 -33.60
N ARG B 505 46.75 5.41 -34.71
CA ARG B 505 48.01 4.68 -34.63
C ARG B 505 49.03 5.53 -33.85
N SER B 506 48.93 6.84 -34.01
CA SER B 506 49.82 7.77 -33.31
C SER B 506 49.79 7.50 -31.81
N VAL B 507 48.58 7.41 -31.26
CA VAL B 507 48.39 7.15 -29.84
C VAL B 507 48.49 5.65 -29.52
N ARG B 508 47.94 4.83 -30.40
CA ARG B 508 47.97 3.37 -30.24
C ARG B 508 49.38 2.90 -29.93
N ALA B 509 50.34 3.37 -30.72
CA ALA B 509 51.75 3.01 -30.52
C ALA B 509 52.38 3.81 -29.39
N LYS B 510 51.69 4.87 -28.95
CA LYS B 510 52.17 5.69 -27.85
C LYS B 510 51.80 4.99 -26.55
N LEU B 511 50.73 4.20 -26.61
CA LEU B 511 50.26 3.46 -25.45
C LEU B 511 51.14 2.25 -25.22
N LEU B 512 51.35 1.46 -26.28
CA LEU B 512 52.18 0.27 -26.20
C LEU B 512 53.55 0.57 -25.58
N SER B 513 54.05 1.78 -25.82
CA SER B 513 55.34 2.18 -25.29
C SER B 513 55.24 2.61 -23.82
N GLN B 514 54.26 2.05 -23.12
CA GLN B 514 54.03 2.35 -21.71
C GLN B 514 53.69 1.07 -20.96
N GLY B 515 53.16 0.08 -21.67
CA GLY B 515 52.79 -1.18 -21.06
C GLY B 515 51.61 -1.11 -20.11
N GLY B 516 51.36 -2.22 -19.41
CA GLY B 516 50.24 -2.26 -18.47
C GLY B 516 48.91 -2.09 -19.14
N ARG B 517 47.96 -1.50 -18.43
CA ARG B 517 46.64 -1.26 -18.98
C ARG B 517 46.75 -0.37 -20.21
N ALA B 518 47.67 0.59 -20.13
CA ALA B 518 47.90 1.53 -21.23
C ALA B 518 47.94 0.82 -22.58
N ALA B 519 48.79 -0.19 -22.70
CA ALA B 519 48.93 -0.94 -23.95
C ALA B 519 47.69 -1.77 -24.26
N THR B 520 47.01 -2.25 -23.22
CA THR B 520 45.81 -3.05 -23.41
C THR B 520 44.75 -2.19 -24.08
N CYS B 521 44.82 -0.88 -23.82
CA CYS B 521 43.89 0.07 -24.40
C CYS B 521 44.15 0.14 -25.89
N GLY B 522 45.39 0.44 -26.27
CA GLY B 522 45.72 0.52 -27.68
C GLY B 522 45.53 -0.81 -28.37
N ARG B 523 45.69 -1.89 -27.61
CA ARG B 523 45.55 -3.24 -28.13
C ARG B 523 44.12 -3.57 -28.56
N TYR B 524 43.16 -3.31 -27.68
CA TYR B 524 41.74 -3.60 -27.94
C TYR B 524 40.90 -2.43 -28.49
N LEU B 525 41.14 -1.22 -27.96
CA LEU B 525 40.40 -0.04 -28.39
C LEU B 525 40.76 0.40 -29.80
N PHE B 526 42.05 0.36 -30.12
CA PHE B 526 42.52 0.78 -31.43
C PHE B 526 42.93 -0.38 -32.35
N ASN B 527 42.08 -1.41 -32.40
CA ASN B 527 42.35 -2.56 -33.24
C ASN B 527 41.88 -2.24 -34.66
N TRP B 528 41.27 -1.06 -34.83
CA TRP B 528 40.80 -0.64 -36.15
C TRP B 528 41.89 0.15 -36.87
N ALA B 529 42.85 0.67 -36.11
CA ALA B 529 43.95 1.44 -36.66
C ALA B 529 45.10 0.51 -37.06
N VAL B 530 44.77 -0.72 -37.39
CA VAL B 530 45.77 -1.70 -37.77
C VAL B 530 45.37 -2.38 -39.08
N ARG B 531 46.35 -2.62 -39.95
CA ARG B 531 46.08 -3.29 -41.22
C ARG B 531 46.07 -4.79 -40.96
N THR B 532 46.72 -5.18 -39.86
CA THR B 532 46.80 -6.58 -39.45
C THR B 532 46.06 -6.78 -38.13
N LYS B 533 44.76 -7.07 -38.23
CA LYS B 533 43.93 -7.29 -37.04
C LYS B 533 44.49 -8.36 -36.11
N LEU B 534 44.72 -7.99 -34.86
CA LEU B 534 45.24 -8.94 -33.87
C LEU B 534 44.04 -9.73 -33.31
N LYS B 535 44.30 -10.98 -32.93
CA LYS B 535 43.24 -11.83 -32.37
C LYS B 535 42.99 -11.46 -30.91
N LEU B 536 42.03 -10.58 -30.69
CA LEU B 536 41.69 -10.12 -29.34
C LEU B 536 41.04 -11.21 -28.50
N THR B 537 41.59 -11.44 -27.31
CA THR B 537 41.06 -12.46 -26.40
C THR B 537 40.49 -11.84 -25.14
N PRO B 538 39.46 -12.46 -24.57
CA PRO B 538 38.78 -12.01 -23.35
C PRO B 538 39.73 -11.53 -22.26
N ILE B 539 39.60 -10.25 -21.89
CA ILE B 539 40.44 -9.64 -20.88
C ILE B 539 40.28 -10.29 -19.50
N PRO B 540 41.39 -10.47 -18.78
CA PRO B 540 41.44 -11.07 -17.44
C PRO B 540 40.63 -10.32 -16.39
N ALA B 541 41.12 -9.15 -15.98
CA ALA B 541 40.46 -8.33 -14.97
C ALA B 541 39.03 -7.93 -15.33
N ALA B 542 38.63 -8.18 -16.56
CA ALA B 542 37.27 -7.84 -17.02
C ALA B 542 36.22 -8.72 -16.36
N SER B 543 36.53 -10.01 -16.20
CA SER B 543 35.60 -10.96 -15.58
C SER B 543 35.51 -10.67 -14.08
N GLN B 544 36.47 -9.92 -13.56
CA GLN B 544 36.51 -9.56 -12.15
C GLN B 544 36.00 -8.13 -11.96
N LEU B 545 34.85 -7.84 -12.58
CA LEU B 545 34.25 -6.51 -12.50
C LEU B 545 32.82 -6.53 -11.97
N ASP B 546 32.60 -5.81 -10.87
CA ASP B 546 31.26 -5.70 -10.27
C ASP B 546 30.64 -4.41 -10.82
N LEU B 547 29.89 -4.57 -11.91
CA LEU B 547 29.25 -3.43 -12.57
C LEU B 547 27.73 -3.51 -12.48
N SER B 548 27.24 -4.36 -11.58
CA SER B 548 25.80 -4.54 -11.42
C SER B 548 25.12 -3.23 -10.99
N GLY B 549 25.69 -2.60 -9.96
CA GLY B 549 25.15 -1.35 -9.43
C GLY B 549 25.19 -0.12 -10.33
N TRP B 550 25.54 -0.32 -11.60
CA TRP B 550 25.60 0.78 -12.56
C TRP B 550 24.26 0.95 -13.27
N PHE B 551 23.61 -0.17 -13.53
CA PHE B 551 22.33 -0.14 -14.23
C PHE B 551 21.24 -0.74 -13.35
N VAL B 552 20.92 -0.05 -12.25
CA VAL B 552 19.90 -0.52 -11.34
C VAL B 552 18.64 0.32 -11.47
N ALA B 553 18.78 1.61 -11.24
CA ALA B 553 17.67 2.55 -11.33
C ALA B 553 18.15 3.92 -11.79
N GLY B 554 17.21 4.76 -12.17
CA GLY B 554 17.55 6.10 -12.61
C GLY B 554 17.67 7.05 -11.43
N TYR B 555 18.63 7.95 -11.52
CA TYR B 555 18.87 8.92 -10.46
C TYR B 555 19.06 10.34 -10.97
N SER B 556 18.59 10.59 -12.19
CA SER B 556 18.73 11.92 -12.78
C SER B 556 18.16 12.99 -11.84
N GLY B 557 19.01 13.94 -11.43
CA GLY B 557 18.58 14.99 -10.52
C GLY B 557 18.46 14.54 -9.08
N GLY B 558 18.90 13.32 -8.81
CA GLY B 558 18.81 12.78 -7.46
C GLY B 558 19.89 13.13 -6.45
N ASP B 559 20.96 13.80 -6.90
CA ASP B 559 22.04 14.19 -5.99
C ASP B 559 22.66 12.91 -5.44
N ILE B 560 22.73 11.89 -6.29
CA ILE B 560 23.28 10.59 -5.91
C ILE B 560 24.71 10.35 -6.39
N TYR B 561 25.58 9.97 -5.47
CA TYR B 561 26.98 9.70 -5.77
C TYR B 561 27.33 8.25 -5.44
N HIS B 562 27.51 7.43 -6.48
CA HIS B 562 27.82 6.03 -6.27
C HIS B 562 29.28 5.63 -6.30
N SER B 563 29.75 5.10 -5.17
CA SER B 563 31.13 4.63 -5.03
C SER B 563 31.32 4.04 -3.64
C1 GOL C . -18.16 4.20 24.24
O1 GOL C . -19.44 3.92 24.82
C2 GOL C . -17.20 3.01 24.45
O2 GOL C . -17.34 2.48 25.78
C3 GOL C . -17.50 1.90 23.44
O3 GOL C . -16.40 0.98 23.38
C1 1NV D . -40.38 -27.55 17.25
C2 1NV D . -39.79 -26.24 17.27
C3 1NV D . -39.92 -25.42 18.43
C4 1NV D . -40.64 -25.90 19.58
C5 1NV D . -41.22 -27.21 19.56
C6 1NV D . -41.09 -28.08 18.40
C7 1NV D . -41.68 -29.49 18.36
N8 1NV D . -38.98 -31.80 16.97
C9 1NV D . -40.11 -31.12 17.19
N10 1NV D . -40.56 -30.54 18.39
C11 1NV D . -39.66 -30.73 19.54
C12 1NV D . -38.40 -31.49 19.38
C13 1NV D . -37.49 -31.72 20.46
C14 1NV D . -37.81 -31.21 21.76
C15 1NV D . -39.03 -30.46 21.97
C16 1NV D . -39.92 -30.25 20.87
C17 1NV D . -38.07 -32.02 18.02
O18 1NV D . -36.99 -32.68 17.84
F19 1NV D . -36.64 -28.94 24.05
O20 1NV D . -36.88 -31.51 22.76
C21 1NV D . -37.37 -31.91 24.04
C22 1NV D . -38.24 -33.09 24.21
C23 1NV D . -38.72 -33.46 25.48
C24 1NV D . -38.35 -32.70 26.62
C25 1NV D . -37.48 -31.52 26.52
C26 1NV D . -36.95 -31.09 25.17
C27 1NV D . -36.04 -29.89 24.87
F28 1NV D . -39.39 -24.22 18.46
F29 1NV D . -34.89 -30.24 24.18
F30 1NV D . -35.67 -29.17 25.98
F31 1NV D . -40.23 -28.32 16.12
F32 1NV D . -41.87 -27.62 20.67
C33 1NV D . -37.22 -30.90 27.84
O34 1NV D . -37.90 -29.95 28.31
N35 1NV D . -36.14 -31.55 28.39
MG MG E . -23.68 -9.90 3.08
C1 GOL F . 23.00 19.57 -6.72
O1 GOL F . 23.99 19.80 -5.73
C2 GOL F . 21.73 20.31 -6.35
O2 GOL F . 21.50 21.37 -7.29
C3 GOL F . 20.53 19.35 -6.31
O3 GOL F . 20.21 18.87 -7.63
C1 1NV G . 35.42 0.23 -37.78
C2 1NV G . 35.46 0.66 -36.41
C3 1NV G . 36.18 1.85 -36.06
C4 1NV G . 36.87 2.63 -37.05
C5 1NV G . 36.84 2.20 -38.43
C6 1NV G . 36.10 0.99 -38.83
C7 1NV G . 36.04 0.52 -40.28
N8 1NV G . 32.56 -0.39 -41.59
C9 1NV G . 33.79 -0.38 -41.09
N10 1NV G . 34.64 0.72 -40.87
C11 1NV G . 34.07 2.04 -41.23
C12 1NV G . 32.70 2.13 -41.78
C13 1NV G . 32.08 3.38 -42.15
C14 1NV G . 32.81 4.60 -41.98
C15 1NV G . 34.15 4.57 -41.45
C16 1NV G . 34.75 3.31 -41.09
C17 1NV G . 31.92 0.84 -41.96
O18 1NV G . 30.75 0.87 -42.43
F19 1NV G . 32.95 9.50 -40.54
O20 1NV G . 32.12 5.77 -42.35
C21 1NV G . 32.69 6.76 -43.21
C22 1NV G . 32.91 6.49 -44.65
C23 1NV G . 33.46 7.48 -45.51
C24 1NV G . 33.79 8.76 -44.98
C25 1NV G . 33.60 9.12 -43.56
C26 1NV G . 33.02 8.07 -42.61
C27 1NV G . 32.73 8.24 -41.07
F28 1NV G . 36.21 2.27 -34.79
F29 1NV G . 33.51 7.44 -40.26
F30 1NV G . 31.40 8.00 -40.78
F31 1NV G . 34.72 -0.91 -38.09
F32 1NV G . 37.50 2.96 -39.34
C33 1NV G . 34.03 10.52 -43.27
O34 1NV G . 35.15 10.83 -42.76
N35 1NV G . 33.00 11.36 -43.66
MG MG H . 20.92 -4.57 -14.13
#